data_7KWK
# 
_entry.id   7KWK 
# 
_audit_conform.dict_name       mmcif_pdbx.dic 
_audit_conform.dict_version    5.380 
_audit_conform.dict_location   http://mmcif.pdb.org/dictionaries/ascii/mmcif_pdbx.dic 
# 
loop_
_database_2.database_id 
_database_2.database_code 
_database_2.pdbx_database_accession 
_database_2.pdbx_DOI 
PDB   7KWK         pdb_00007kwk 10.2210/pdb7kwk/pdb 
WWPDB D_1000253174 ?            ?                   
# 
_pdbx_database_status.status_code                     REL 
_pdbx_database_status.status_code_sf                  REL 
_pdbx_database_status.status_code_mr                  ? 
_pdbx_database_status.entry_id                        7KWK 
_pdbx_database_status.recvd_initial_deposition_date   2020-12-01 
_pdbx_database_status.SG_entry                        N 
_pdbx_database_status.deposit_site                    RCSB 
_pdbx_database_status.process_site                    RCSB 
_pdbx_database_status.status_code_cs                  ? 
_pdbx_database_status.status_code_nmr_data            ? 
_pdbx_database_status.methods_development_category    ? 
_pdbx_database_status.pdb_format_compatible           Y 
# 
loop_
_audit_author.name 
_audit_author.pdbx_ordinal 
_audit_author.identifier_ORCID 
'Ogbonna, E.'  1 0000-0002-0762-0603 
'Fang, Z.'     2 0000-0001-8679-6633 
'Wilson, D.W.' 3 0000-0001-5225-5089 
# 
_citation.abstract                  ? 
_citation.abstract_id_CAS           ? 
_citation.book_id_ISBN              ? 
_citation.book_publisher            ? 
_citation.book_publisher_city       ? 
_citation.book_title                ? 
_citation.coordinate_linkage        ? 
_citation.country                   UK 
_citation.database_id_Medline       ? 
_citation.details                   ? 
_citation.id                        primary 
_citation.journal_abbrev            Bioorg.Med.Chem. 
_citation.journal_id_ASTM           BMECEP 
_citation.journal_id_CSD            1200 
_citation.journal_id_ISSN           1464-3391 
_citation.journal_full              ? 
_citation.journal_issue             ? 
_citation.journal_volume            68 
_citation.language                  ? 
_citation.page_first                116861 
_citation.page_last                 116861 
_citation.title                     
;Drug design and DNA structural research inspired by the Neidle laboratory: DNA minor groove binding and transcription factor inhibition by thiophene diamidines.
;
_citation.year                      2022 
_citation.database_id_CSD           ? 
_citation.pdbx_database_id_DOI      10.1016/j.bmc.2022.116861 
_citation.pdbx_database_id_PubMed   35661929 
_citation.unpublished_flag          ? 
# 
loop_
_citation_author.citation_id 
_citation_author.name 
_citation_author.ordinal 
_citation_author.identifier_ORCID 
primary 'Ogbonna, E.N.'    1 ? 
primary 'Paul, A.'         2 ? 
primary 'Ross Terrell, J.' 3 ? 
primary 'Fang, Z.'         4 ? 
primary 'Chen, C.'         5 ? 
primary 'Poon, G.M.K.'     6 ? 
primary 'Boykin, D.W.'     7 ? 
primary 'Wilson, W.D.'     8 ? 
# 
_cell.angle_alpha                  90.000 
_cell.angle_alpha_esd              ? 
_cell.angle_beta                   90.000 
_cell.angle_beta_esd               ? 
_cell.angle_gamma                  90.000 
_cell.angle_gamma_esd              ? 
_cell.entry_id                     7KWK 
_cell.details                      ? 
_cell.formula_units_Z              ? 
_cell.length_a                     25.912 
_cell.length_a_esd                 ? 
_cell.length_b                     39.945 
_cell.length_b_esd                 ? 
_cell.length_c                     65.143 
_cell.length_c_esd                 ? 
_cell.volume                       ? 
_cell.volume_esd                   ? 
_cell.Z_PDB                        8 
_cell.reciprocal_angle_alpha       ? 
_cell.reciprocal_angle_beta        ? 
_cell.reciprocal_angle_gamma       ? 
_cell.reciprocal_angle_alpha_esd   ? 
_cell.reciprocal_angle_beta_esd    ? 
_cell.reciprocal_angle_gamma_esd   ? 
_cell.reciprocal_length_a          ? 
_cell.reciprocal_length_b          ? 
_cell.reciprocal_length_c          ? 
_cell.reciprocal_length_a_esd      ? 
_cell.reciprocal_length_b_esd      ? 
_cell.reciprocal_length_c_esd      ? 
_cell.pdbx_unique_axis             ? 
# 
_symmetry.entry_id                         7KWK 
_symmetry.cell_setting                     ? 
_symmetry.Int_Tables_number                19 
_symmetry.space_group_name_Hall            ? 
_symmetry.space_group_name_H-M             'P 21 21 21' 
_symmetry.pdbx_full_space_group_name_H-M   ? 
# 
loop_
_entity.id 
_entity.type 
_entity.src_method 
_entity.pdbx_description 
_entity.formula_weight 
_entity.pdbx_number_of_molecules 
_entity.pdbx_ec 
_entity.pdbx_mutation 
_entity.pdbx_fragment 
_entity.details 
1 polymer     syn 
;DNA (5'-D(*CP*GP*CP*GP*AP*AP*TP*TP*CP*GP*CP*G)-3')
;
3663.392 2  ? ? ? ? 
2 non-polymer syn '2-[5-(4-carbamimidoylphenyl)thiophen-2-yl]-1H-indole-6-carboximidamide' 359.447  1  ? ? ? ? 
3 non-polymer nat 'MAGNESIUM ION'                                                          24.305   1  ? ? ? ? 
4 water       nat water                                                                    18.015   80 ? ? ? ? 
# 
_entity_poly.entity_id                      1 
_entity_poly.type                           polydeoxyribonucleotide 
_entity_poly.nstd_linkage                   no 
_entity_poly.nstd_monomer                   no 
_entity_poly.pdbx_seq_one_letter_code       '(DC)(DG)(DC)(DG)(DA)(DA)(DT)(DT)(DC)(DG)(DC)(DG)' 
_entity_poly.pdbx_seq_one_letter_code_can   CGCGAATTCGCG 
_entity_poly.pdbx_strand_id                 A,B 
_entity_poly.pdbx_target_identifier         ? 
# 
loop_
_entity_poly_seq.entity_id 
_entity_poly_seq.num 
_entity_poly_seq.mon_id 
_entity_poly_seq.hetero 
1 1  DC n 
1 2  DG n 
1 3  DC n 
1 4  DG n 
1 5  DA n 
1 6  DA n 
1 7  DT n 
1 8  DT n 
1 9  DC n 
1 10 DG n 
1 11 DC n 
1 12 DG n 
# 
_pdbx_entity_src_syn.entity_id              1 
_pdbx_entity_src_syn.pdbx_src_id            1 
_pdbx_entity_src_syn.pdbx_alt_source_flag   sample 
_pdbx_entity_src_syn.pdbx_beg_seq_num       1 
_pdbx_entity_src_syn.pdbx_end_seq_num       12 
_pdbx_entity_src_syn.organism_scientific    'Homo sapiens' 
_pdbx_entity_src_syn.organism_common_name   ? 
_pdbx_entity_src_syn.ncbi_taxonomy_id       9606 
_pdbx_entity_src_syn.details                ? 
# 
_struct_ref.id                         1 
_struct_ref.db_name                    PDB 
_struct_ref.db_code                    7KWK 
_struct_ref.pdbx_db_accession          7KWK 
_struct_ref.pdbx_db_isoform            ? 
_struct_ref.entity_id                  1 
_struct_ref.pdbx_seq_one_letter_code   ? 
_struct_ref.pdbx_align_begin           1 
# 
loop_
_struct_ref_seq.align_id 
_struct_ref_seq.ref_id 
_struct_ref_seq.pdbx_PDB_id_code 
_struct_ref_seq.pdbx_strand_id 
_struct_ref_seq.seq_align_beg 
_struct_ref_seq.pdbx_seq_align_beg_ins_code 
_struct_ref_seq.seq_align_end 
_struct_ref_seq.pdbx_seq_align_end_ins_code 
_struct_ref_seq.pdbx_db_accession 
_struct_ref_seq.db_align_beg 
_struct_ref_seq.pdbx_db_align_beg_ins_code 
_struct_ref_seq.db_align_end 
_struct_ref_seq.pdbx_db_align_end_ins_code 
_struct_ref_seq.pdbx_auth_seq_align_beg 
_struct_ref_seq.pdbx_auth_seq_align_end 
1 1 7KWK A 1 ? 12 ? 7KWK 1  ? 12 ? 1  12 
2 1 7KWK B 1 ? 12 ? 7KWK 13 ? 24 ? 13 24 
# 
loop_
_chem_comp.id 
_chem_comp.type 
_chem_comp.mon_nstd_flag 
_chem_comp.name 
_chem_comp.pdbx_synonyms 
_chem_comp.formula 
_chem_comp.formula_weight 
DA  'DNA linking' y "2'-DEOXYADENOSINE-5'-MONOPHOSPHATE"                                     ? 'C10 H14 N5 O6 P' 331.222 
DC  'DNA linking' y "2'-DEOXYCYTIDINE-5'-MONOPHOSPHATE"                                      ? 'C9 H14 N3 O7 P'  307.197 
DG  'DNA linking' y "2'-DEOXYGUANOSINE-5'-MONOPHOSPHATE"                                     ? 'C10 H14 N5 O7 P' 347.221 
DT  'DNA linking' y "THYMIDINE-5'-MONOPHOSPHATE"                                             ? 'C10 H15 N2 O8 P' 322.208 
HOH non-polymer   . WATER                                                                    ? 'H2 O'            18.015  
MG  non-polymer   . 'MAGNESIUM ION'                                                          ? 'Mg 2'            24.305  
X8V non-polymer   . '2-[5-(4-carbamimidoylphenyl)thiophen-2-yl]-1H-indole-6-carboximidamide' ? 'C20 H17 N5 S'    359.447 
# 
_exptl.absorpt_coefficient_mu     ? 
_exptl.absorpt_correction_T_max   ? 
_exptl.absorpt_correction_T_min   ? 
_exptl.absorpt_correction_type    ? 
_exptl.absorpt_process_details    ? 
_exptl.entry_id                   7KWK 
_exptl.crystals_number            1 
_exptl.details                    ? 
_exptl.method                     'X-RAY DIFFRACTION' 
_exptl.method_details             ? 
# 
_exptl_crystal.colour                      ? 
_exptl_crystal.density_diffrn              ? 
_exptl_crystal.density_Matthews            2.25 
_exptl_crystal.density_method              ? 
_exptl_crystal.density_percent_sol         45.29 
_exptl_crystal.description                 ? 
_exptl_crystal.F_000                       ? 
_exptl_crystal.id                          1 
_exptl_crystal.preparation                 ? 
_exptl_crystal.size_max                    ? 
_exptl_crystal.size_mid                    ? 
_exptl_crystal.size_min                    ? 
_exptl_crystal.size_rad                    ? 
_exptl_crystal.colour_lustre               ? 
_exptl_crystal.colour_modifier             ? 
_exptl_crystal.colour_primary              ? 
_exptl_crystal.density_meas                ? 
_exptl_crystal.density_meas_esd            ? 
_exptl_crystal.density_meas_gt             ? 
_exptl_crystal.density_meas_lt             ? 
_exptl_crystal.density_meas_temp           ? 
_exptl_crystal.density_meas_temp_esd       ? 
_exptl_crystal.density_meas_temp_gt        ? 
_exptl_crystal.density_meas_temp_lt        ? 
_exptl_crystal.pdbx_crystal_image_url      ? 
_exptl_crystal.pdbx_crystal_image_format   ? 
_exptl_crystal.pdbx_mosaicity              ? 
_exptl_crystal.pdbx_mosaicity_esd          ? 
# 
_exptl_crystal_grow.apparatus       ? 
_exptl_crystal_grow.atmosphere      ? 
_exptl_crystal_grow.crystal_id      1 
_exptl_crystal_grow.details         ? 
_exptl_crystal_grow.method          'VAPOR DIFFUSION, HANGING DROP' 
_exptl_crystal_grow.method_ref      ? 
_exptl_crystal_grow.pH              5.5 
_exptl_crystal_grow.pressure        ? 
_exptl_crystal_grow.pressure_esd    ? 
_exptl_crystal_grow.seeding         ? 
_exptl_crystal_grow.seeding_ref     ? 
_exptl_crystal_grow.temp            298 
_exptl_crystal_grow.temp_details    'Temperature was kept constant' 
_exptl_crystal_grow.temp_esd        ? 
_exptl_crystal_grow.time            ? 
_exptl_crystal_grow.pdbx_details    
'10% MPD, 0.04M Sodium Cacodylate trihydrate, 0.02M Hexamine Cobalt(III) Chloride, Magnesium Chloride hexahydrate' 
_exptl_crystal_grow.pdbx_pH_range   ? 
# 
_diffrn.ambient_environment              ? 
_diffrn.ambient_temp                     100 
_diffrn.ambient_temp_details             ? 
_diffrn.ambient_temp_esd                 ? 
_diffrn.crystal_id                       1 
_diffrn.crystal_support                  ? 
_diffrn.crystal_treatment                ? 
_diffrn.details                          ? 
_diffrn.id                               1 
_diffrn.ambient_pressure                 ? 
_diffrn.ambient_pressure_esd             ? 
_diffrn.ambient_pressure_gt              ? 
_diffrn.ambient_pressure_lt              ? 
_diffrn.ambient_temp_gt                  ? 
_diffrn.ambient_temp_lt                  ? 
_diffrn.pdbx_serial_crystal_experiment   N 
# 
_diffrn_detector.details                      ? 
_diffrn_detector.detector                     PIXEL 
_diffrn_detector.diffrn_id                    1 
_diffrn_detector.type                         'DECTRIS PILATUS3 S 6M' 
_diffrn_detector.area_resol_mean              ? 
_diffrn_detector.dtime                        ? 
_diffrn_detector.pdbx_frames_total            ? 
_diffrn_detector.pdbx_collection_time_total   ? 
_diffrn_detector.pdbx_collection_date         2020-05-28 
_diffrn_detector.pdbx_frequency               ? 
# 
_diffrn_radiation.collimation                      ? 
_diffrn_radiation.diffrn_id                        1 
_diffrn_radiation.filter_edge                      ? 
_diffrn_radiation.inhomogeneity                    ? 
_diffrn_radiation.monochromator                    'SINGLE CRYSTAL Si(200)' 
_diffrn_radiation.polarisn_norm                    ? 
_diffrn_radiation.polarisn_ratio                   ? 
_diffrn_radiation.probe                            ? 
_diffrn_radiation.type                             ? 
_diffrn_radiation.xray_symbol                      ? 
_diffrn_radiation.wavelength_id                    1 
_diffrn_radiation.pdbx_monochromatic_or_laue_m_l   M 
_diffrn_radiation.pdbx_wavelength_list             ? 
_diffrn_radiation.pdbx_wavelength                  ? 
_diffrn_radiation.pdbx_diffrn_protocol             'SINGLE WAVELENGTH' 
_diffrn_radiation.pdbx_analyzer                    ? 
_diffrn_radiation.pdbx_scattering_type             x-ray 
# 
_diffrn_radiation_wavelength.id           1 
_diffrn_radiation_wavelength.wavelength   1.14 
_diffrn_radiation_wavelength.wt           1.0 
# 
_diffrn_source.current                     ? 
_diffrn_source.details                     ? 
_diffrn_source.diffrn_id                   1 
_diffrn_source.power                       ? 
_diffrn_source.size                        ? 
_diffrn_source.source                      SYNCHROTRON 
_diffrn_source.target                      ? 
_diffrn_source.type                        'ALS BEAMLINE 5.0.1' 
_diffrn_source.voltage                     ? 
_diffrn_source.take-off_angle              ? 
_diffrn_source.pdbx_wavelength_list        1.14 
_diffrn_source.pdbx_wavelength             ? 
_diffrn_source.pdbx_synchrotron_beamline   5.0.1 
_diffrn_source.pdbx_synchrotron_site       ALS 
# 
_reflns.B_iso_Wilson_estimate            ? 
_reflns.entry_id                         7KWK 
_reflns.data_reduction_details           ? 
_reflns.data_reduction_method            ? 
_reflns.d_resolution_high                1.370 
_reflns.d_resolution_low                 50.000 
_reflns.details                          ? 
_reflns.limit_h_max                      ? 
_reflns.limit_h_min                      ? 
_reflns.limit_k_max                      ? 
_reflns.limit_k_min                      ? 
_reflns.limit_l_max                      ? 
_reflns.limit_l_min                      ? 
_reflns.number_all                       ? 
_reflns.number_obs                       14801 
_reflns.observed_criterion               ? 
_reflns.observed_criterion_F_max         ? 
_reflns.observed_criterion_F_min         ? 
_reflns.observed_criterion_I_max         ? 
_reflns.observed_criterion_I_min         ? 
_reflns.observed_criterion_sigma_F       ? 
_reflns.observed_criterion_sigma_I       ? 
_reflns.percent_possible_obs             99.600 
_reflns.R_free_details                   ? 
_reflns.Rmerge_F_all                     ? 
_reflns.Rmerge_F_obs                     ? 
_reflns.Friedel_coverage                 ? 
_reflns.number_gt                        ? 
_reflns.threshold_expression             ? 
_reflns.pdbx_redundancy                  12.100 
_reflns.pdbx_Rmerge_I_obs                0.051 
_reflns.pdbx_Rmerge_I_all                ? 
_reflns.pdbx_Rsym_value                  ? 
_reflns.pdbx_netI_over_av_sigmaI         ? 
_reflns.pdbx_netI_over_sigmaI            13.400 
_reflns.pdbx_res_netI_over_av_sigmaI_2   ? 
_reflns.pdbx_res_netI_over_sigmaI_2      ? 
_reflns.pdbx_chi_squared                 0.970 
_reflns.pdbx_scaling_rejects             ? 
_reflns.pdbx_d_res_high_opt              ? 
_reflns.pdbx_d_res_low_opt               ? 
_reflns.pdbx_d_res_opt_method            ? 
_reflns.phase_calculation_details        ? 
_reflns.pdbx_Rrim_I_all                  0.053 
_reflns.pdbx_Rpim_I_all                  0.015 
_reflns.pdbx_d_opt                       ? 
_reflns.pdbx_number_measured_all         179467 
_reflns.pdbx_diffrn_id                   1 
_reflns.pdbx_ordinal                     1 
_reflns.pdbx_CC_half                     ? 
_reflns.pdbx_CC_star                     ? 
_reflns.pdbx_R_split                     ? 
# 
loop_
_reflns_shell.d_res_high 
_reflns_shell.d_res_low 
_reflns_shell.meanI_over_sigI_all 
_reflns_shell.meanI_over_sigI_obs 
_reflns_shell.number_measured_all 
_reflns_shell.number_measured_obs 
_reflns_shell.number_possible 
_reflns_shell.number_unique_all 
_reflns_shell.number_unique_obs 
_reflns_shell.percent_possible_all 
_reflns_shell.percent_possible_obs 
_reflns_shell.Rmerge_F_all 
_reflns_shell.Rmerge_F_obs 
_reflns_shell.Rmerge_I_all 
_reflns_shell.Rmerge_I_obs 
_reflns_shell.meanI_over_sigI_gt 
_reflns_shell.meanI_over_uI_all 
_reflns_shell.meanI_over_uI_gt 
_reflns_shell.number_measured_gt 
_reflns_shell.number_unique_gt 
_reflns_shell.percent_possible_gt 
_reflns_shell.Rmerge_F_gt 
_reflns_shell.Rmerge_I_gt 
_reflns_shell.pdbx_redundancy 
_reflns_shell.pdbx_Rsym_value 
_reflns_shell.pdbx_chi_squared 
_reflns_shell.pdbx_netI_over_sigmaI_all 
_reflns_shell.pdbx_netI_over_sigmaI_obs 
_reflns_shell.pdbx_Rrim_I_all 
_reflns_shell.pdbx_Rpim_I_all 
_reflns_shell.pdbx_rejects 
_reflns_shell.pdbx_ordinal 
_reflns_shell.pdbx_diffrn_id 
_reflns_shell.pdbx_CC_half 
_reflns_shell.pdbx_CC_star 
_reflns_shell.pdbx_R_split 
1.370 1.390  ? ? ? ? ? ? 681 95.000  ? ? ? ? 0.500 ? ? ? ? ? ? ? ? 9.700  ? 0.720 ? ? 0.526 0.161 ? 1  1 0.939 ? ? 
1.390 1.420  ? ? ? ? ? ? 712 97.900  ? ? ? ? 0.448 ? ? ? ? ? ? ? ? 10.800 ? 0.755 ? ? 0.469 0.135 ? 2  1 0.956 ? ? 
1.420 1.450  ? ? ? ? ? ? 724 99.000  ? ? ? ? 0.391 ? ? ? ? ? ? ? ? 11.400 ? 0.810 ? ? 0.409 0.116 ? 3  1 0.975 ? ? 
1.450 1.480  ? ? ? ? ? ? 718 100.000 ? ? ? ? 0.343 ? ? ? ? ? ? ? ? 12.000 ? 0.823 ? ? 0.358 0.102 ? 4  1 0.979 ? ? 
1.480 1.510  ? ? ? ? ? ? 712 100.000 ? ? ? ? 0.298 ? ? ? ? ? ? ? ? 11.900 ? 0.924 ? ? 0.311 0.088 ? 5  1 0.980 ? ? 
1.510 1.540  ? ? ? ? ? ? 750 100.000 ? ? ? ? 0.252 ? ? ? ? ? ? ? ? 12.500 ? 0.978 ? ? 0.263 0.073 ? 6  1 0.984 ? ? 
1.540 1.580  ? ? ? ? ? ? 711 100.000 ? ? ? ? 0.211 ? ? ? ? ? ? ? ? 12.100 ? 1.197 ? ? 0.220 0.062 ? 7  1 0.990 ? ? 
1.580 1.620  ? ? ? ? ? ? 745 100.000 ? ? ? ? 0.151 ? ? ? ? ? ? ? ? 12.800 ? 1.212 ? ? 0.157 0.043 ? 8  1 0.997 ? ? 
1.620 1.670  ? ? ? ? ? ? 731 100.000 ? ? ? ? 0.131 ? ? ? ? ? ? ? ? 12.700 ? 1.268 ? ? 0.137 0.037 ? 9  1 0.997 ? ? 
1.670 1.730  ? ? ? ? ? ? 740 100.000 ? ? ? ? 0.133 ? ? ? ? ? ? ? ? 12.500 ? 1.420 ? ? 0.139 0.039 ? 10 1 0.996 ? ? 
1.730 1.790  ? ? ? ? ? ? 718 100.000 ? ? ? ? 0.126 ? ? ? ? ? ? ? ? 12.200 ? 1.420 ? ? 0.132 0.037 ? 11 1 0.997 ? ? 
1.790 1.860  ? ? ? ? ? ? 754 100.000 ? ? ? ? 0.122 ? ? ? ? ? ? ? ? 12.600 ? 1.393 ? ? 0.127 0.035 ? 12 1 0.996 ? ? 
1.860 1.940  ? ? ? ? ? ? 726 100.000 ? ? ? ? 0.112 ? ? ? ? ? ? ? ? 12.700 ? 1.295 ? ? 0.117 0.033 ? 13 1 0.996 ? ? 
1.940 2.050  ? ? ? ? ? ? 747 100.000 ? ? ? ? 0.103 ? ? ? ? ? ? ? ? 13.000 ? 1.158 ? ? 0.107 0.029 ? 14 1 0.997 ? ? 
2.050 2.170  ? ? ? ? ? ? 749 100.000 ? ? ? ? 0.096 ? ? ? ? ? ? ? ? 12.500 ? 1.064 ? ? 0.100 0.028 ? 15 1 0.997 ? ? 
2.170 2.340  ? ? ? ? ? ? 754 100.000 ? ? ? ? 0.084 ? ? ? ? ? ? ? ? 12.400 ? 0.894 ? ? 0.088 0.025 ? 16 1 0.997 ? ? 
2.340 2.580  ? ? ? ? ? ? 747 100.000 ? ? ? ? 0.076 ? ? ? ? ? ? ? ? 12.500 ? 0.750 ? ? 0.079 0.022 ? 17 1 0.998 ? ? 
2.580 2.950  ? ? ? ? ? ? 764 100.000 ? ? ? ? 0.064 ? ? ? ? ? ? ? ? 12.700 ? 0.569 ? ? 0.067 0.018 ? 18 1 0.999 ? ? 
2.950 3.720  ? ? ? ? ? ? 779 99.900  ? ? ? ? 0.041 ? ? ? ? ? ? ? ? 11.900 ? 0.392 ? ? 0.043 0.012 ? 19 1 0.999 ? ? 
3.720 50.000 ? ? ? ? ? ? 839 99.600  ? ? ? ? 0.041 ? ? ? ? ? ? ? ? 11.500 ? 0.276 ? ? 0.043 0.012 ? 20 1 0.999 ? ? 
# 
_refine.aniso_B[1][1]                            0.0000 
_refine.aniso_B[1][2]                            -0.0000 
_refine.aniso_B[1][3]                            -0.0000 
_refine.aniso_B[2][2]                            -0.0000 
_refine.aniso_B[2][3]                            0.0000 
_refine.aniso_B[3][3]                            0.0000 
_refine.B_iso_max                                35.000 
_refine.B_iso_mean                               13.4180 
_refine.B_iso_min                                5.910 
_refine.correlation_coeff_Fo_to_Fc               0.9490 
_refine.correlation_coeff_Fo_to_Fc_free          0.9140 
_refine.details                                  
'HYDROGENS HAVE BEEN ADDED IN THE RIDING POSITIONS U VALUES      : REFINED INDIVIDUALLY' 
_refine.diff_density_max                         ? 
_refine.diff_density_max_esd                     ? 
_refine.diff_density_min                         ? 
_refine.diff_density_min_esd                     ? 
_refine.diff_density_rms                         ? 
_refine.diff_density_rms_esd                     ? 
_refine.entry_id                                 7KWK 
_refine.pdbx_refine_id                           'X-RAY DIFFRACTION' 
_refine.ls_abs_structure_details                 ? 
_refine.ls_abs_structure_Flack                   ? 
_refine.ls_abs_structure_Flack_esd               ? 
_refine.ls_abs_structure_Rogers                  ? 
_refine.ls_abs_structure_Rogers_esd              ? 
_refine.ls_d_res_high                            1.3700 
_refine.ls_d_res_low                             34.0500 
_refine.ls_extinction_coef                       ? 
_refine.ls_extinction_coef_esd                   ? 
_refine.ls_extinction_expression                 ? 
_refine.ls_extinction_method                     ? 
_refine.ls_goodness_of_fit_all                   ? 
_refine.ls_goodness_of_fit_all_esd               ? 
_refine.ls_goodness_of_fit_obs                   ? 
_refine.ls_goodness_of_fit_obs_esd               ? 
_refine.ls_hydrogen_treatment                    ? 
_refine.ls_matrix_type                           ? 
_refine.ls_number_constraints                    ? 
_refine.ls_number_parameters                     ? 
_refine.ls_number_reflns_all                     ? 
_refine.ls_number_reflns_obs                     12812 
_refine.ls_number_reflns_R_free                  670 
_refine.ls_number_reflns_R_work                  ? 
_refine.ls_number_restraints                     ? 
_refine.ls_percent_reflns_obs                    90.8700 
_refine.ls_percent_reflns_R_free                 5.0000 
_refine.ls_R_factor_all                          ? 
_refine.ls_R_factor_obs                          0.2227 
_refine.ls_R_factor_R_free                       0.2637 
_refine.ls_R_factor_R_free_error                 ? 
_refine.ls_R_factor_R_free_error_details         ? 
_refine.ls_R_factor_R_work                       0.2207 
_refine.ls_R_Fsqd_factor_obs                     ? 
_refine.ls_R_I_factor_obs                        ? 
_refine.ls_redundancy_reflns_all                 ? 
_refine.ls_redundancy_reflns_obs                 ? 
_refine.ls_restrained_S_all                      ? 
_refine.ls_restrained_S_obs                      ? 
_refine.ls_shift_over_esd_max                    ? 
_refine.ls_shift_over_esd_mean                   ? 
_refine.ls_structure_factor_coef                 ? 
_refine.ls_weighting_details                     ? 
_refine.ls_weighting_scheme                      ? 
_refine.ls_wR_factor_all                         ? 
_refine.ls_wR_factor_obs                         ? 
_refine.ls_wR_factor_R_free                      ? 
_refine.ls_wR_factor_R_work                      ? 
_refine.occupancy_max                            ? 
_refine.occupancy_min                            ? 
_refine.solvent_model_details                    MASK 
_refine.solvent_model_param_bsol                 ? 
_refine.solvent_model_param_ksol                 ? 
_refine.pdbx_R_complete                          ? 
_refine.ls_R_factor_gt                           ? 
_refine.ls_goodness_of_fit_gt                    ? 
_refine.ls_goodness_of_fit_ref                   ? 
_refine.ls_shift_over_su_max                     ? 
_refine.ls_shift_over_su_max_lt                  ? 
_refine.ls_shift_over_su_mean                    ? 
_refine.ls_shift_over_su_mean_lt                 ? 
_refine.pdbx_ls_sigma_I                          ? 
_refine.pdbx_ls_sigma_F                          0.000 
_refine.pdbx_ls_sigma_Fsqd                       ? 
_refine.pdbx_data_cutoff_high_absF               ? 
_refine.pdbx_data_cutoff_high_rms_absF           ? 
_refine.pdbx_data_cutoff_low_absF                ? 
_refine.pdbx_isotropic_thermal_model             ? 
_refine.pdbx_ls_cross_valid_method               THROUGHOUT 
_refine.pdbx_method_to_determine_struct          'MOLECULAR REPLACEMENT' 
_refine.pdbx_starting_model                      1BNA 
_refine.pdbx_stereochemistry_target_values       'MAXIMUM LIKELIHOOD' 
_refine.pdbx_R_Free_selection_details            RANDOM 
_refine.pdbx_stereochem_target_val_spec_case     ? 
_refine.pdbx_overall_ESU_R                       0.0760 
_refine.pdbx_overall_ESU_R_Free                  0.0820 
_refine.pdbx_solvent_vdw_probe_radii             1.2000 
_refine.pdbx_solvent_ion_probe_radii             0.8000 
_refine.pdbx_solvent_shrinkage_radii             0.8000 
_refine.pdbx_real_space_R                        ? 
_refine.pdbx_density_correlation                 ? 
_refine.pdbx_pd_number_of_powder_patterns        ? 
_refine.pdbx_pd_number_of_points                 ? 
_refine.pdbx_pd_meas_number_of_points            ? 
_refine.pdbx_pd_proc_ls_prof_R_factor            ? 
_refine.pdbx_pd_proc_ls_prof_wR_factor           ? 
_refine.pdbx_pd_Marquardt_correlation_coeff      ? 
_refine.pdbx_pd_Fsqrd_R_factor                   ? 
_refine.pdbx_pd_ls_matrix_band_width             ? 
_refine.pdbx_overall_phase_error                 ? 
_refine.pdbx_overall_SU_R_free_Cruickshank_DPI   ? 
_refine.pdbx_overall_SU_R_free_Blow_DPI          ? 
_refine.pdbx_overall_SU_R_Blow_DPI               ? 
_refine.pdbx_TLS_residual_ADP_flag               ? 
_refine.pdbx_diffrn_id                           1 
_refine.overall_SU_B                             1.1040 
_refine.overall_SU_ML                            0.0460 
_refine.overall_SU_R_Cruickshank_DPI             ? 
_refine.overall_SU_R_free                        ? 
_refine.overall_FOM_free_R_set                   ? 
_refine.overall_FOM_work_R_set                   ? 
_refine.pdbx_average_fsc_overall                 ? 
_refine.pdbx_average_fsc_work                    ? 
_refine.pdbx_average_fsc_free                    ? 
# 
_refine_hist.pdbx_refine_id                   'X-RAY DIFFRACTION' 
_refine_hist.cycle_id                         final 
_refine_hist.details                          ? 
_refine_hist.d_res_high                       1.3700 
_refine_hist.d_res_low                        34.0500 
_refine_hist.number_atoms_solvent             80 
_refine_hist.number_atoms_total               593 
_refine_hist.number_reflns_all                ? 
_refine_hist.number_reflns_obs                ? 
_refine_hist.number_reflns_R_free             ? 
_refine_hist.number_reflns_R_work             ? 
_refine_hist.R_factor_all                     ? 
_refine_hist.R_factor_obs                     ? 
_refine_hist.R_factor_R_free                  ? 
_refine_hist.R_factor_R_work                  ? 
_refine_hist.pdbx_number_residues_total       24 
_refine_hist.pdbx_B_iso_mean_ligand           18.63 
_refine_hist.pdbx_B_iso_mean_solvent          22.63 
_refine_hist.pdbx_number_atoms_protein        0 
_refine_hist.pdbx_number_atoms_nucleic_acid   486 
_refine_hist.pdbx_number_atoms_ligand         27 
_refine_hist.pdbx_number_atoms_lipid          ? 
_refine_hist.pdbx_number_atoms_carb           ? 
_refine_hist.pdbx_pseudo_atom_details         ? 
# 
loop_
_refine_ls_restr.pdbx_refine_id 
_refine_ls_restr.criterion 
_refine_ls_restr.dev_ideal 
_refine_ls_restr.dev_ideal_target 
_refine_ls_restr.number 
_refine_ls_restr.rejects 
_refine_ls_restr.type 
_refine_ls_restr.weight 
_refine_ls_restr.pdbx_restraint_function 
'X-RAY DIFFRACTION' ? 0.013 0.011 573 ? r_bond_refined_d     ? ? 
'X-RAY DIFFRACTION' ? 0.003 0.020 289 ? r_bond_other_d       ? ? 
'X-RAY DIFFRACTION' ? 2.045 1.251 878 ? r_angle_refined_deg  ? ? 
'X-RAY DIFFRACTION' ? 1.633 3.030 672 ? r_angle_other_deg    ? ? 
'X-RAY DIFFRACTION' ? 0.075 0.200 72  ? r_chiral_restr       ? ? 
'X-RAY DIFFRACTION' ? 0.035 0.020 326 ? r_gen_planes_refined ? ? 
'X-RAY DIFFRACTION' ? 0.006 0.021 147 ? r_gen_planes_other   ? ? 
# 
_refine_ls_shell.pdbx_refine_id                   'X-RAY DIFFRACTION' 
_refine_ls_shell.d_res_high                       1.37 
_refine_ls_shell.d_res_low                        1.4050 
_refine_ls_shell.number_reflns_all                ? 
_refine_ls_shell.number_reflns_obs                ? 
_refine_ls_shell.number_reflns_R_free             31 
_refine_ls_shell.number_reflns_R_work             558 
_refine_ls_shell.percent_reflns_obs               55.9400 
_refine_ls_shell.percent_reflns_R_free            ? 
_refine_ls_shell.R_factor_all                     ? 
_refine_ls_shell.R_factor_obs                     ? 
_refine_ls_shell.R_factor_R_free                  0.3230 
_refine_ls_shell.R_factor_R_free_error            0.0000 
_refine_ls_shell.R_factor_R_work                  0.2780 
_refine_ls_shell.redundancy_reflns_all            ? 
_refine_ls_shell.redundancy_reflns_obs            ? 
_refine_ls_shell.wR_factor_all                    ? 
_refine_ls_shell.wR_factor_obs                    ? 
_refine_ls_shell.wR_factor_R_free                 ? 
_refine_ls_shell.wR_factor_R_work                 ? 
_refine_ls_shell.pdbx_R_complete                  ? 
_refine_ls_shell.pdbx_total_number_of_bins_used   ? 
_refine_ls_shell.pdbx_phase_error                 ? 
_refine_ls_shell.pdbx_fsc_work                    ? 
_refine_ls_shell.pdbx_fsc_free                    ? 
# 
_struct.entry_id                     7KWK 
_struct.title                        
;DNA-DB1879 complex: The DNA sequence 5'-CGCGAATTCGCG-3' presents a binding site for the heterocyclic small molecule (DB1879).
;
_struct.pdbx_model_details           ? 
_struct.pdbx_formula_weight          ? 
_struct.pdbx_formula_weight_method   ? 
_struct.pdbx_model_type_details      ? 
_struct.pdbx_CASP_flag               N 
# 
_struct_keywords.entry_id        7KWK 
_struct_keywords.text            DNA 
_struct_keywords.pdbx_keywords   DNA 
# 
loop_
_struct_asym.id 
_struct_asym.pdbx_blank_PDB_chainid_flag 
_struct_asym.pdbx_modified 
_struct_asym.entity_id 
_struct_asym.details 
A N N 1 ? 
B N N 1 ? 
C N N 2 ? 
D N N 3 ? 
E N N 4 ? 
F N N 4 ? 
# 
loop_
_struct_conn.id 
_struct_conn.conn_type_id 
_struct_conn.pdbx_leaving_atom_flag 
_struct_conn.pdbx_PDB_id 
_struct_conn.ptnr1_label_asym_id 
_struct_conn.ptnr1_label_comp_id 
_struct_conn.ptnr1_label_seq_id 
_struct_conn.ptnr1_label_atom_id 
_struct_conn.pdbx_ptnr1_label_alt_id 
_struct_conn.pdbx_ptnr1_PDB_ins_code 
_struct_conn.pdbx_ptnr1_standard_comp_id 
_struct_conn.ptnr1_symmetry 
_struct_conn.ptnr2_label_asym_id 
_struct_conn.ptnr2_label_comp_id 
_struct_conn.ptnr2_label_seq_id 
_struct_conn.ptnr2_label_atom_id 
_struct_conn.pdbx_ptnr2_label_alt_id 
_struct_conn.pdbx_ptnr2_PDB_ins_code 
_struct_conn.ptnr1_auth_asym_id 
_struct_conn.ptnr1_auth_comp_id 
_struct_conn.ptnr1_auth_seq_id 
_struct_conn.ptnr2_auth_asym_id 
_struct_conn.ptnr2_auth_comp_id 
_struct_conn.ptnr2_auth_seq_id 
_struct_conn.ptnr2_symmetry 
_struct_conn.pdbx_ptnr3_label_atom_id 
_struct_conn.pdbx_ptnr3_label_seq_id 
_struct_conn.pdbx_ptnr3_label_comp_id 
_struct_conn.pdbx_ptnr3_label_asym_id 
_struct_conn.pdbx_ptnr3_label_alt_id 
_struct_conn.pdbx_ptnr3_PDB_ins_code 
_struct_conn.details 
_struct_conn.pdbx_dist_value 
_struct_conn.pdbx_value_order 
_struct_conn.pdbx_role 
metalc1  metalc ? ? D MG .  MG ? ? ? 1_555 E HOH .  O  ? ? A MG 102 A HOH 207 1_555 ? ? ? ? ? ? ?            2.166 ? ? 
metalc2  metalc ? ? D MG .  MG ? ? ? 1_555 E HOH .  O  ? ? A MG 102 A HOH 214 1_555 ? ? ? ? ? ? ?            2.126 ? ? 
metalc3  metalc ? ? D MG .  MG ? ? ? 1_555 E HOH .  O  ? ? A MG 102 A HOH 216 3_655 ? ? ? ? ? ? ?            2.064 ? ? 
metalc4  metalc ? ? D MG .  MG ? ? ? 1_555 E HOH .  O  ? ? A MG 102 A HOH 220 3_655 ? ? ? ? ? ? ?            2.043 ? ? 
metalc5  metalc ? ? D MG .  MG ? ? ? 1_555 E HOH .  O  ? ? A MG 102 A HOH 240 3_655 ? ? ? ? ? ? ?            2.096 ? ? 
metalc6  metalc ? ? D MG .  MG ? ? ? 1_555 F HOH .  O  ? ? A MG 102 B HOH 106 1_555 ? ? ? ? ? ? ?            2.106 ? ? 
hydrog1  hydrog ? ? A DC 1  N3 ? ? ? 1_555 B DG  12 N1 ? ? A DC 1   B DG  24  1_555 ? ? ? ? ? ? WATSON-CRICK ?     ? ? 
hydrog2  hydrog ? ? A DC 1  N4 ? ? ? 1_555 B DG  12 O6 ? ? A DC 1   B DG  24  1_555 ? ? ? ? ? ? WATSON-CRICK ?     ? ? 
hydrog3  hydrog ? ? A DC 1  O2 ? ? ? 1_555 B DG  12 N2 ? ? A DC 1   B DG  24  1_555 ? ? ? ? ? ? WATSON-CRICK ?     ? ? 
hydrog4  hydrog ? ? A DG 2  N1 ? ? ? 1_555 B DC  11 N3 ? ? A DG 2   B DC  23  1_555 ? ? ? ? ? ? WATSON-CRICK ?     ? ? 
hydrog5  hydrog ? ? A DG 2  N2 ? ? ? 1_555 B DC  11 O2 ? ? A DG 2   B DC  23  1_555 ? ? ? ? ? ? WATSON-CRICK ?     ? ? 
hydrog6  hydrog ? ? A DG 2  O6 ? ? ? 1_555 B DC  11 N4 ? ? A DG 2   B DC  23  1_555 ? ? ? ? ? ? WATSON-CRICK ?     ? ? 
hydrog7  hydrog ? ? A DC 3  N3 ? ? ? 1_555 B DG  10 N1 ? ? A DC 3   B DG  22  1_555 ? ? ? ? ? ? WATSON-CRICK ?     ? ? 
hydrog8  hydrog ? ? A DC 3  N4 ? ? ? 1_555 B DG  10 O6 ? ? A DC 3   B DG  22  1_555 ? ? ? ? ? ? WATSON-CRICK ?     ? ? 
hydrog9  hydrog ? ? A DC 3  O2 ? ? ? 1_555 B DG  10 N2 ? ? A DC 3   B DG  22  1_555 ? ? ? ? ? ? WATSON-CRICK ?     ? ? 
hydrog10 hydrog ? ? A DG 4  N1 ? ? ? 1_555 B DC  9  N3 ? ? A DG 4   B DC  21  1_555 ? ? ? ? ? ? WATSON-CRICK ?     ? ? 
hydrog11 hydrog ? ? A DG 4  N2 ? ? ? 1_555 B DC  9  O2 ? ? A DG 4   B DC  21  1_555 ? ? ? ? ? ? WATSON-CRICK ?     ? ? 
hydrog12 hydrog ? ? A DG 4  O6 ? ? ? 1_555 B DC  9  N4 ? ? A DG 4   B DC  21  1_555 ? ? ? ? ? ? WATSON-CRICK ?     ? ? 
hydrog13 hydrog ? ? A DA 5  N1 ? ? ? 1_555 B DT  8  N3 ? ? A DA 5   B DT  20  1_555 ? ? ? ? ? ? WATSON-CRICK ?     ? ? 
hydrog14 hydrog ? ? A DA 5  N6 ? ? ? 1_555 B DT  8  O4 ? ? A DA 5   B DT  20  1_555 ? ? ? ? ? ? WATSON-CRICK ?     ? ? 
hydrog15 hydrog ? ? A DA 6  N1 ? ? ? 1_555 B DT  7  N3 ? ? A DA 6   B DT  19  1_555 ? ? ? ? ? ? WATSON-CRICK ?     ? ? 
hydrog16 hydrog ? ? A DA 6  N6 ? ? ? 1_555 B DT  7  O4 ? ? A DA 6   B DT  19  1_555 ? ? ? ? ? ? WATSON-CRICK ?     ? ? 
hydrog17 hydrog ? ? A DT 7  N3 ? ? ? 1_555 B DA  6  N1 ? ? A DT 7   B DA  18  1_555 ? ? ? ? ? ? WATSON-CRICK ?     ? ? 
hydrog18 hydrog ? ? A DT 7  O4 ? ? ? 1_555 B DA  6  N6 ? ? A DT 7   B DA  18  1_555 ? ? ? ? ? ? WATSON-CRICK ?     ? ? 
hydrog19 hydrog ? ? A DT 8  N3 ? ? ? 1_555 B DA  5  N1 ? ? A DT 8   B DA  17  1_555 ? ? ? ? ? ? WATSON-CRICK ?     ? ? 
hydrog20 hydrog ? ? A DT 8  O4 ? ? ? 1_555 B DA  5  N6 ? ? A DT 8   B DA  17  1_555 ? ? ? ? ? ? WATSON-CRICK ?     ? ? 
hydrog21 hydrog ? ? A DC 9  N3 ? ? ? 1_555 B DG  4  N1 ? ? A DC 9   B DG  16  1_555 ? ? ? ? ? ? WATSON-CRICK ?     ? ? 
hydrog22 hydrog ? ? A DC 9  N4 ? ? ? 1_555 B DG  4  O6 ? ? A DC 9   B DG  16  1_555 ? ? ? ? ? ? WATSON-CRICK ?     ? ? 
hydrog23 hydrog ? ? A DC 9  O2 ? ? ? 1_555 B DG  4  N2 ? ? A DC 9   B DG  16  1_555 ? ? ? ? ? ? WATSON-CRICK ?     ? ? 
hydrog24 hydrog ? ? A DG 10 N1 ? ? ? 1_555 B DC  3  N3 ? ? A DG 10  B DC  15  1_555 ? ? ? ? ? ? WATSON-CRICK ?     ? ? 
hydrog25 hydrog ? ? A DG 10 N2 ? ? ? 1_555 B DC  3  O2 ? ? A DG 10  B DC  15  1_555 ? ? ? ? ? ? WATSON-CRICK ?     ? ? 
hydrog26 hydrog ? ? A DG 10 O6 ? ? ? 1_555 B DC  3  N4 ? ? A DG 10  B DC  15  1_555 ? ? ? ? ? ? WATSON-CRICK ?     ? ? 
hydrog27 hydrog ? ? A DC 11 N3 ? ? ? 1_555 B DG  2  N1 ? ? A DC 11  B DG  14  1_555 ? ? ? ? ? ? WATSON-CRICK ?     ? ? 
hydrog28 hydrog ? ? A DC 11 N4 ? ? ? 1_555 B DG  2  O6 ? ? A DC 11  B DG  14  1_555 ? ? ? ? ? ? WATSON-CRICK ?     ? ? 
hydrog29 hydrog ? ? A DC 11 O2 ? ? ? 1_555 B DG  2  N2 ? ? A DC 11  B DG  14  1_555 ? ? ? ? ? ? WATSON-CRICK ?     ? ? 
hydrog30 hydrog ? ? A DG 12 N1 ? ? ? 1_555 B DC  1  N3 ? ? A DG 12  B DC  13  1_555 ? ? ? ? ? ? WATSON-CRICK ?     ? ? 
hydrog31 hydrog ? ? A DG 12 N2 ? ? ? 1_555 B DC  1  O2 ? ? A DG 12  B DC  13  1_555 ? ? ? ? ? ? WATSON-CRICK ?     ? ? 
hydrog32 hydrog ? ? A DG 12 O6 ? ? ? 1_555 B DC  1  N4 ? ? A DG 12  B DC  13  1_555 ? ? ? ? ? ? WATSON-CRICK ?     ? ? 
# 
loop_
_struct_conn_type.id 
_struct_conn_type.criteria 
_struct_conn_type.reference 
metalc ? ? 
hydrog ? ? 
# 
_atom_sites.entry_id                    7KWK 
_atom_sites.Cartn_transf_matrix[1][1]   ? 
_atom_sites.Cartn_transf_matrix[1][2]   ? 
_atom_sites.Cartn_transf_matrix[1][3]   ? 
_atom_sites.Cartn_transf_matrix[2][1]   ? 
_atom_sites.Cartn_transf_matrix[2][2]   ? 
_atom_sites.Cartn_transf_matrix[2][3]   ? 
_atom_sites.Cartn_transf_matrix[3][1]   ? 
_atom_sites.Cartn_transf_matrix[3][2]   ? 
_atom_sites.Cartn_transf_matrix[3][3]   ? 
_atom_sites.Cartn_transf_vector[1]      ? 
_atom_sites.Cartn_transf_vector[2]      ? 
_atom_sites.Cartn_transf_vector[3]      ? 
_atom_sites.fract_transf_matrix[1][1]   0.02407975 
_atom_sites.fract_transf_matrix[1][2]   -0.00704987 
_atom_sites.fract_transf_matrix[1][3]   0.02932247 
_atom_sites.fract_transf_matrix[2][1]   -0.01852230 
_atom_sites.fract_transf_matrix[2][2]   0.00437603 
_atom_sites.fract_transf_matrix[2][3]   0.01626271 
_atom_sites.fract_transf_matrix[3][1]   -0.00386060 
_atom_sites.fract_transf_matrix[3][2]   -0.01485222 
_atom_sites.fract_transf_matrix[3][3]   -0.00040051 
_atom_sites.fract_transf_vector[1]      0.580249 
_atom_sites.fract_transf_vector[2]      0.525341 
_atom_sites.fract_transf_vector[3]      0.131071 
_atom_sites.solution_primary            ? 
_atom_sites.solution_secondary          ? 
_atom_sites.solution_hydrogens          ? 
_atom_sites.special_details             ? 
# 
loop_
_atom_type.symbol 
C  
MG 
N  
O  
P  
S  
# 
loop_
_atom_site.group_PDB 
_atom_site.id 
_atom_site.type_symbol 
_atom_site.label_atom_id 
_atom_site.label_alt_id 
_atom_site.label_comp_id 
_atom_site.label_asym_id 
_atom_site.label_entity_id 
_atom_site.label_seq_id 
_atom_site.pdbx_PDB_ins_code 
_atom_site.Cartn_x 
_atom_site.Cartn_y 
_atom_site.Cartn_z 
_atom_site.occupancy 
_atom_site.B_iso_or_equiv 
_atom_site.pdbx_formal_charge 
_atom_site.auth_seq_id 
_atom_site.auth_comp_id 
_atom_site.auth_asym_id 
_atom_site.auth_atom_id 
_atom_site.pdbx_PDB_model_num 
ATOM   1   O  "O5'" . DC  A 1 1  ? -10.541 -13.183 13.008  1.00 17.23 ? 1   DC  A "O5'" 1 
ATOM   2   C  "C5'" . DC  A 1 1  ? -10.154 -13.448 11.668  1.00 15.13 ? 1   DC  A "C5'" 1 
ATOM   3   C  "C4'" . DC  A 1 1  ? -8.670  -13.708 11.664  1.00 13.72 ? 1   DC  A "C4'" 1 
ATOM   4   O  "O4'" . DC  A 1 1  ? -8.325  -14.354 10.422  1.00 10.90 ? 1   DC  A "O4'" 1 
ATOM   5   C  "C3'" . DC  A 1 1  ? -7.806  -12.459 11.736  1.00 13.77 ? 1   DC  A "C3'" 1 
ATOM   6   O  "O3'" . DC  A 1 1  ? -6.609  -12.829 12.471  1.00 17.34 ? 1   DC  A "O3'" 1 
ATOM   7   C  "C2'" . DC  A 1 1  ? -7.541  -12.156 10.263  1.00 11.85 ? 1   DC  A "C2'" 1 
ATOM   8   C  "C1'" . DC  A 1 1  ? -7.404  -13.556 9.692   1.00 10.32 ? 1   DC  A "C1'" 1 
ATOM   9   N  N1    . DC  A 1 1  ? -7.710  -13.757 8.271   1.00 8.60  ? 1   DC  A N1    1 
ATOM   10  C  C2    . DC  A 1 1  ? -6.878  -14.574 7.476   1.00 8.96  ? 1   DC  A C2    1 
ATOM   11  O  O2    . DC  A 1 1  ? -5.894  -15.113 8.001   1.00 10.05 ? 1   DC  A O2    1 
ATOM   12  N  N3    . DC  A 1 1  ? -7.235  -14.812 6.193   1.00 8.20  ? 1   DC  A N3    1 
ATOM   13  C  C4    . DC  A 1 1  ? -8.316  -14.200 5.677   1.00 8.31  ? 1   DC  A C4    1 
ATOM   14  N  N4    . DC  A 1 1  ? -8.628  -14.428 4.394   1.00 9.93  ? 1   DC  A N4    1 
ATOM   15  C  C5    . DC  A 1 1  ? -9.151  -13.355 6.465   1.00 9.03  ? 1   DC  A C5    1 
ATOM   16  C  C6    . DC  A 1 1  ? -8.802  -13.146 7.726   1.00 9.27  ? 1   DC  A C6    1 
ATOM   17  P  P     . DG  A 1 2  ? -5.587  -11.726 12.979  1.00 19.47 ? 2   DG  A P     1 
ATOM   18  O  OP1   . DG  A 1 2  ? -5.129  -12.111 14.361  1.00 22.89 ? 2   DG  A OP1   1 
ATOM   19  O  OP2   . DG  A 1 2  ? -6.134  -10.399 12.657  1.00 19.15 ? 2   DG  A OP2   1 
ATOM   20  O  "O5'" . DG  A 1 2  ? -4.370  -11.872 11.975  1.00 18.29 ? 2   DG  A "O5'" 1 
ATOM   21  C  "C5'" . DG  A 1 2  ? -3.670  -13.075 11.953  1.00 18.02 ? 2   DG  A "C5'" 1 
ATOM   22  C  "C4'" . DG  A 1 2  ? -2.545  -12.948 10.969  1.00 16.74 ? 2   DG  A "C4'" 1 
ATOM   23  O  "O4'" . DG  A 1 2  ? -3.054  -13.109 9.625   1.00 15.82 ? 2   DG  A "O4'" 1 
ATOM   24  C  "C3'" . DG  A 1 2  ? -1.844  -11.602 10.998  1.00 16.19 ? 2   DG  A "C3'" 1 
ATOM   25  O  "O3'" . DG  A 1 2  ? -0.476  -11.961 11.078  1.00 19.91 ? 2   DG  A "O3'" 1 
ATOM   26  C  "C2'" . DG  A 1 2  ? -2.374  -10.894 9.769   1.00 13.86 ? 2   DG  A "C2'" 1 
ATOM   27  C  "C1'" . DG  A 1 2  ? -2.626  -12.038 8.816   1.00 12.83 ? 2   DG  A "C1'" 1 
ATOM   28  N  N9    . DG  A 1 2  ? -3.663  -11.804 7.811   1.00 10.09 ? 2   DG  A N9    1 
ATOM   29  C  C8    . DG  A 1 2  ? -4.859  -11.149 7.973   1.00 10.42 ? 2   DG  A C8    1 
ATOM   30  N  N7    . DG  A 1 2  ? -5.605  -11.182 6.902   1.00 8.62  ? 2   DG  A N7    1 
ATOM   31  C  C5    . DG  A 1 2  ? -4.895  -11.980 6.016   1.00 7.59  ? 2   DG  A C5    1 
ATOM   32  C  C6    . DG  A 1 2  ? -5.202  -12.388 4.694   1.00 7.27  ? 2   DG  A C6    1 
ATOM   33  O  O6    . DG  A 1 2  ? -6.211  -12.129 4.030   1.00 8.24  ? 2   DG  A O6    1 
ATOM   34  N  N1    . DG  A 1 2  ? -4.194  -13.170 4.149   1.00 7.46  ? 2   DG  A N1    1 
ATOM   35  C  C2    . DG  A 1 2  ? -3.053  -13.554 4.807   1.00 7.51  ? 2   DG  A C2    1 
ATOM   36  N  N2    . DG  A 1 2  ? -2.204  -14.298 4.134   1.00 7.32  ? 2   DG  A N2    1 
ATOM   37  N  N3    . DG  A 1 2  ? -2.749  -13.173 6.034   1.00 7.07  ? 2   DG  A N3    1 
ATOM   38  C  C4    . DG  A 1 2  ? -3.712  -12.403 6.577   1.00 8.09  ? 2   DG  A C4    1 
ATOM   39  P  P     . DC  A 1 3  ? 0.666   -10.868 11.207  1.00 20.61 ? 3   DC  A P     1 
ATOM   40  O  OP1   . DC  A 1 3  ? 1.586   -11.422 12.209  1.00 25.79 ? 3   DC  A OP1   1 
ATOM   41  O  OP2   . DC  A 1 3  ? 0.039   -9.546  11.384  1.00 27.25 ? 3   DC  A OP2   1 
ATOM   42  O  "O5'" . DC  A 1 3  ? 1.357   -10.932 9.785   1.00 18.08 ? 3   DC  A "O5'" 1 
ATOM   43  C  "C5'" . DC  A 1 3  ? 1.856   -12.162 9.285   1.00 13.96 ? 3   DC  A "C5'" 1 
ATOM   44  C  "C4'" . DC  A 1 3  ? 1.931   -12.039 7.785   1.00 12.44 ? 3   DC  A "C4'" 1 
ATOM   45  O  "O4'" . DC  A 1 3  ? 0.613   -11.835 7.300   1.00 11.83 ? 3   DC  A "O4'" 1 
ATOM   46  C  "C3'" . DC  A 1 3  ? 2.683   -10.806 7.298   1.00 14.15 ? 3   DC  A "C3'" 1 
ATOM   47  O  "O3'" . DC  A 1 3  ? 4.010   -11.202 7.095   1.00 16.80 ? 3   DC  A "O3'" 1 
ATOM   48  C  "C2'" . DC  A 1 3  ? 2.008   -10.461 5.993   1.00 14.54 ? 3   DC  A "C2'" 1 
ATOM   49  C  "C1'" . DC  A 1 3  ? 0.717   -11.253 6.009   1.00 11.57 ? 3   DC  A "C1'" 1 
ATOM   50  N  N1    . DC  A 1 3  ? -0.459  -10.434 5.817   1.00 10.99 ? 3   DC  A N1    1 
ATOM   51  C  C2    . DC  A 1 3  ? -1.195  -10.593 4.650   1.00 8.72  ? 3   DC  A C2    1 
ATOM   52  O  O2    . DC  A 1 3  ? -0.732  -11.286 3.756   1.00 9.08  ? 3   DC  A O2    1 
ATOM   53  N  N3    . DC  A 1 3  ? -2.363  -9.934  4.516   1.00 8.48  ? 3   DC  A N3    1 
ATOM   54  C  C4    . DC  A 1 3  ? -2.805  -9.155  5.495   1.00 8.88  ? 3   DC  A C4    1 
ATOM   55  N  N4    . DC  A 1 3  ? -3.971  -8.533  5.318   1.00 9.84  ? 3   DC  A N4    1 
ATOM   56  C  C5    . DC  A 1 3  ? -2.064  -8.963  6.699   1.00 10.82 ? 3   DC  A C5    1 
ATOM   57  C  C6    . DC  A 1 3  ? -0.919  -9.634  6.823   1.00 10.59 ? 3   DC  A C6    1 
ATOM   58  P  P     . DG  A 1 4  ? 5.130   -10.106 6.671   1.00 21.06 ? 4   DG  A P     1 
ATOM   59  O  OP1   . DG  A 1 4  ? 6.438   -10.717 6.983   1.00 24.05 ? 4   DG  A OP1   1 
ATOM   60  O  OP2   . DG  A 1 4  ? 4.765   -8.811  7.241   1.00 21.26 ? 4   DG  A OP2   1 
ATOM   61  O  "O5'" . DG  A 1 4  ? 4.947   -10.040 5.093   1.00 15.71 ? 4   DG  A "O5'" 1 
ATOM   62  C  "C5'" . DG  A 1 4  ? 5.230   -11.199 4.299   1.00 16.16 ? 4   DG  A "C5'" 1 
ATOM   63  C  "C4'" . DG  A 1 4  ? 4.967   -10.915 2.846   1.00 15.21 ? 4   DG  A "C4'" 1 
ATOM   64  O  "O4'" . DG  A 1 4  ? 3.578   -10.536 2.692   1.00 13.58 ? 4   DG  A "O4'" 1 
ATOM   65  C  "C3'" . DG  A 1 4  ? 5.788   -9.749  2.299   1.00 16.93 ? 4   DG  A "C3'" 1 
ATOM   66  O  "O3'" . DG  A 1 4  ? 6.257   -10.196 1.032   1.00 19.53 ? 4   DG  A "O3'" 1 
ATOM   67  C  "C2'" . DG  A 1 4  ? 4.812   -8.585  2.310   1.00 14.74 ? 4   DG  A "C2'" 1 
ATOM   68  C  "C1'" . DG  A 1 4  ? 3.467   -9.260  2.073   1.00 13.20 ? 4   DG  A "C1'" 1 
ATOM   69  N  N9    . DG  A 1 4  ? 2.356   -8.567  2.698   1.00 10.67 ? 4   DG  A N9    1 
ATOM   70  C  C8    . DG  A 1 4  ? 2.355   -7.951  3.915   1.00 9.94  ? 4   DG  A C8    1 
ATOM   71  N  N7    . DG  A 1 4  ? 1.205   -7.429  4.229   1.00 8.72  ? 4   DG  A N7    1 
ATOM   72  C  C5    . DG  A 1 4  ? 0.392   -7.716  3.143   1.00 8.19  ? 4   DG  A C5    1 
ATOM   73  C  C6    . DG  A 1 4  ? -0.967  -7.360  2.885   1.00 7.99  ? 4   DG  A C6    1 
ATOM   74  O  O6    . DG  A 1 4  ? -1.755  -6.737  3.596   1.00 9.15  ? 4   DG  A O6    1 
ATOM   75  N  N1    . DG  A 1 4  ? -1.366  -7.792  1.632   1.00 8.15  ? 4   DG  A N1    1 
ATOM   76  C  C2    . DG  A 1 4  ? -0.576  -8.453  0.741   1.00 8.94  ? 4   DG  A C2    1 
ATOM   77  N  N2    . DG  A 1 4  ? -1.162  -8.838  -0.389  1.00 9.59  ? 4   DG  A N2    1 
ATOM   78  N  N3    . DG  A 1 4  ? 0.663   -8.850  0.993   1.00 9.19  ? 4   DG  A N3    1 
ATOM   79  C  C4    . DG  A 1 4  ? 1.091   -8.412  2.185   1.00 9.07  ? 4   DG  A C4    1 
ATOM   80  P  P     . DA  A 1 5  ? 7.222   -9.305  0.143   1.00 21.88 ? 5   DA  A P     1 
ATOM   81  O  OP1   . DA  A 1 5  ? 7.952   -10.205 -0.798  1.00 23.46 ? 5   DA  A OP1   1 
ATOM   82  O  OP2   . DA  A 1 5  ? 7.917   -8.344  1.033   1.00 23.41 ? 5   DA  A OP2   1 
ATOM   83  O  "O5'" . DA  A 1 5  ? 6.207   -8.550  -0.808  1.00 17.48 ? 5   DA  A "O5'" 1 
ATOM   84  C  "C5'" . DA  A 1 5  ? 5.430   -9.366  -1.658  1.00 17.76 ? 5   DA  A "C5'" 1 
ATOM   85  C  "C4'" . DA  A 1 5  ? 4.377   -8.499  -2.277  1.00 18.75 ? 5   DA  A "C4'" 1 
ATOM   86  O  "O4'" . DA  A 1 5  ? 3.478   -8.024  -1.250  1.00 17.99 ? 5   DA  A "O4'" 1 
ATOM   87  C  "C3'" . DA  A 1 5  ? 4.970   -7.257  -2.931  1.00 20.03 ? 5   DA  A "C3'" 1 
ATOM   88  O  "O3'" . DA  A 1 5  ? 4.426   -7.337  -4.224  1.00 23.58 ? 5   DA  A "O3'" 1 
ATOM   89  C  "C2'" . DA  A 1 5  ? 4.488   -6.116  -2.056  1.00 20.43 ? 5   DA  A "C2'" 1 
ATOM   90  C  "C1'" . DA  A 1 5  ? 3.170   -6.685  -1.559  1.00 17.52 ? 5   DA  A "C1'" 1 
ATOM   91  N  N9    . DA  A 1 5  ? 2.691   -6.056  -0.353  1.00 15.76 ? 5   DA  A N9    1 
ATOM   92  C  C8    . DA  A 1 5  ? 3.366   -5.738  0.787   1.00 15.10 ? 5   DA  A C8    1 
ATOM   93  N  N7    . DA  A 1 5  ? 2.621   -5.165  1.700   1.00 16.16 ? 5   DA  A N7    1 
ATOM   94  C  C5    . DA  A 1 5  ? 1.371   -5.087  1.100   1.00 15.16 ? 5   DA  A C5    1 
ATOM   95  C  C6    . DA  A 1 5  ? 0.147   -4.569  1.532   1.00 11.43 ? 5   DA  A C6    1 
ATOM   96  N  N6    . DA  A 1 5  ? -0.034  -3.993  2.713   1.00 15.97 ? 5   DA  A N6    1 
ATOM   97  N  N1    . DA  A 1 5  ? -0.883  -4.597  0.661   1.00 12.94 ? 5   DA  A N1    1 
ATOM   98  C  C2    . DA  A 1 5  ? -0.722  -5.198  -0.504  1.00 10.81 ? 5   DA  A C2    1 
ATOM   99  N  N3    . DA  A 1 5  ? 0.387   -5.723  -1.031  1.00 13.69 ? 5   DA  A N3    1 
ATOM   100 C  C4    . DA  A 1 5  ? 1.399   -5.640  -0.156  1.00 12.72 ? 5   DA  A C4    1 
ATOM   101 P  P     . DA  A 1 6  ? 4.856   -6.287  -5.342  1.00 21.63 ? 6   DA  A P     1 
ATOM   102 O  OP1   . DA  A 1 6  ? 5.307   -7.045  -6.512  1.00 21.10 ? 6   DA  A OP1   1 
ATOM   103 O  OP2   . DA  A 1 6  ? 5.730   -5.262  -4.707  1.00 25.33 ? 6   DA  A OP2   1 
ATOM   104 O  "O5'" . DA  A 1 6  ? 3.435   -5.711  -5.808  1.00 17.42 ? 6   DA  A "O5'" 1 
ATOM   105 C  "C5'" . DA  A 1 6  ? 2.381   -6.512  -6.363  1.00 12.55 ? 6   DA  A "C5'" 1 
ATOM   106 C  "C4'" . DA  A 1 6  ? 1.128   -5.652  -6.479  1.00 11.28 ? 6   DA  A "C4'" 1 
ATOM   107 O  "O4'" . DA  A 1 6  ? 0.692   -5.132  -5.188  1.00 10.32 ? 6   DA  A "O4'" 1 
ATOM   108 C  "C3'" . DA  A 1 6  ? 1.391   -4.403  -7.332  1.00 10.23 ? 6   DA  A "C3'" 1 
ATOM   109 O  "O3'" . DA  A 1 6  ? 0.304   -4.296  -8.222  1.00 10.42 ? 6   DA  A "O3'" 1 
ATOM   110 C  "C2'" . DA  A 1 6  ? 1.565   -3.287  -6.330  1.00 9.87  ? 6   DA  A "C2'" 1 
ATOM   111 C  "C1'" . DA  A 1 6  ? 0.703   -3.688  -5.162  1.00 8.32  ? 6   DA  A "C1'" 1 
ATOM   112 N  N9    . DA  A 1 6  ? 1.232   -3.263  -3.858  1.00 7.43  ? 6   DA  A N9    1 
ATOM   113 C  C8    . DA  A 1 6  ? 2.479   -3.484  -3.323  1.00 7.02  ? 6   DA  A C8    1 
ATOM   114 N  N7    . DA  A 1 6  ? 2.624   -3.020  -2.109  1.00 6.22  ? 6   DA  A N7    1 
ATOM   115 C  C5    . DA  A 1 6  ? 1.366   -2.529  -1.789  1.00 6.44  ? 6   DA  A C5    1 
ATOM   116 C  C6    . DA  A 1 6  ? 0.859   -1.933  -0.624  1.00 5.91  ? 6   DA  A C6    1 
ATOM   117 N  N6    . DA  A 1 6  ? 1.569   -1.740  0.489   1.00 6.21  ? 6   DA  A N6    1 
ATOM   118 N  N1    . DA  A 1 6  ? -0.430  -1.538  -0.635  1.00 6.15  ? 6   DA  A N1    1 
ATOM   119 C  C2    . DA  A 1 6  ? -1.150  -1.745  -1.745  1.00 6.48  ? 6   DA  A C2    1 
ATOM   120 N  N3    . DA  A 1 6  ? -0.786  -2.303  -2.898  1.00 7.52  ? 6   DA  A N3    1 
ATOM   121 C  C4    . DA  A 1 6  ? 0.498   -2.682  -2.852  1.00 6.53  ? 6   DA  A C4    1 
ATOM   122 P  P     . DT  A 1 7  ? 0.259   -3.168  -9.393  1.00 9.90  ? 7   DT  A P     1 
ATOM   123 O  OP1   . DT  A 1 7  ? -0.648  -3.715  -10.405 1.00 11.35 ? 7   DT  A OP1   1 
ATOM   124 O  OP2   . DT  A 1 7  ? 1.604   -2.691  -9.693  1.00 9.20  ? 7   DT  A OP2   1 
ATOM   125 O  "O5'" . DT  A 1 7  ? -0.475  -1.951  -8.681  1.00 9.49  ? 7   DT  A "O5'" 1 
ATOM   126 C  "C5'" . DT  A 1 7  ? -1.760  -2.154  -8.065  1.00 9.08  ? 7   DT  A "C5'" 1 
ATOM   127 C  "C4'" . DT  A 1 7  ? -2.134  -0.945  -7.253  1.00 9.27  ? 7   DT  A "C4'" 1 
ATOM   128 O  "O4'" . DT  A 1 7  ? -1.301  -0.933  -6.083  1.00 8.32  ? 7   DT  A "O4'" 1 
ATOM   129 C  "C3'" . DT  A 1 7  ? -1.965  0.413   -7.932  1.00 8.96  ? 7   DT  A "C3'" 1 
ATOM   130 O  "O3'" . DT  A 1 7  ? -3.295  0.872   -8.234  1.00 10.32 ? 7   DT  A "O3'" 1 
ATOM   131 C  "C2'" . DT  A 1 7  ? -1.191  1.237   -6.923  1.00 7.78  ? 7   DT  A "C2'" 1 
ATOM   132 C  "C1'" . DT  A 1 7  ? -1.288  0.407   -5.645  1.00 7.14  ? 7   DT  A "C1'" 1 
ATOM   133 N  N1    . DT  A 1 7  ? -0.175  0.545   -4.732  1.00 6.78  ? 7   DT  A N1    1 
ATOM   134 C  C2    . DT  A 1 7  ? -0.418  1.009   -3.455  1.00 6.66  ? 7   DT  A C2    1 
ATOM   135 O  O2    . DT  A 1 7  ? -1.520  1.385   -3.075  1.00 8.02  ? 7   DT  A O2    1 
ATOM   136 N  N3    . DT  A 1 7  ? 0.678   1.024   -2.633  1.00 6.48  ? 7   DT  A N3    1 
ATOM   137 C  C4    . DT  A 1 7  ? 1.948   0.611   -2.942  1.00 6.43  ? 7   DT  A C4    1 
ATOM   138 O  O4    . DT  A 1 7  ? 2.823   0.684   -2.094  1.00 7.48  ? 7   DT  A O4    1 
ATOM   139 C  C5    . DT  A 1 7  ? 2.146   0.190   -4.314  1.00 6.17  ? 7   DT  A C5    1 
ATOM   140 C  C7    . DT  A 1 7  ? 3.516   -0.189  -4.768  1.00 6.28  ? 7   DT  A C7    1 
ATOM   141 C  C6    . DT  A 1 7  ? 1.083   0.140   -5.118  1.00 6.29  ? 7   DT  A C6    1 
ATOM   142 P  P     . DT  A 1 8  ? -3.596  2.208   -9.032  1.00 12.63 ? 8   DT  A P     1 
ATOM   143 O  OP1   . DT  A 1 8  ? -5.019  2.067   -9.546  1.00 15.33 ? 8   DT  A OP1   1 
ATOM   144 O  OP2   . DT  A 1 8  ? -2.471  2.522   -9.896  1.00 13.25 ? 8   DT  A OP2   1 
ATOM   145 O  "O5'" . DT  A 1 8  ? -3.603  3.311   -7.889  1.00 12.71 ? 8   DT  A "O5'" 1 
ATOM   146 C  "C5'" . DT  A 1 8  ? -4.599  3.254   -6.889  1.00 12.03 ? 8   DT  A "C5'" 1 
ATOM   147 C  "C4'" . DT  A 1 8  ? -4.247  4.219   -5.784  1.00 12.21 ? 8   DT  A "C4'" 1 
ATOM   148 O  "O4'" . DT  A 1 8  ? -3.014  3.822   -5.176  1.00 10.27 ? 8   DT  A "O4'" 1 
ATOM   149 C  "C3'" . DT  A 1 8  ? -4.028  5.651   -6.248  1.00 12.37 ? 8   DT  A "C3'" 1 
ATOM   150 O  "O3'" . DT  A 1 8  ? -5.218  6.330   -5.850  1.00 14.69 ? 8   DT  A "O3'" 1 
ATOM   151 C  "C2'" . DT  A 1 8  ? -2.766  6.110   -5.529  1.00 10.87 ? 8   DT  A "C2'" 1 
ATOM   152 C  "C1'" . DT  A 1 8  ? -2.462  4.972   -4.570  1.00 9.89  ? 8   DT  A "C1'" 1 
ATOM   153 N  N1    . DT  A 1 8  ? -1.034  4.710   -4.310  1.00 7.64  ? 8   DT  A N1    1 
ATOM   154 C  C2    . DT  A 1 8  ? -0.553  4.838   -3.021  1.00 7.40  ? 8   DT  A C2    1 
ATOM   155 O  O2    . DT  A 1 8  ? -1.219  5.291   -2.105  1.00 8.43  ? 8   DT  A O2    1 
ATOM   156 N  N3    . DT  A 1 8  ? 0.767   4.518   -2.867  1.00 6.54  ? 8   DT  A N3    1 
ATOM   157 C  C4    . DT  A 1 8  ? 1.635   4.059   -3.850  1.00 6.69  ? 8   DT  A C4    1 
ATOM   158 O  O4    . DT  A 1 8  ? 2.775   3.745   -3.556  1.00 7.27  ? 8   DT  A O4    1 
ATOM   159 C  C5    . DT  A 1 8  ? 1.068   3.967   -5.173  1.00 7.54  ? 8   DT  A C5    1 
ATOM   160 C  C7    . DT  A 1 8  ? 1.932   3.498   -6.296  1.00 8.45  ? 8   DT  A C7    1 
ATOM   161 C  C6    . DT  A 1 8  ? -0.213  4.287   -5.336  1.00 7.30  ? 8   DT  A C6    1 
ATOM   162 P  P     . DC  A 1 9  ? -5.348  7.925   -5.992  1.00 16.39 ? 9   DC  A P     1 
ATOM   163 O  OP1   . DC  A 1 9  ? -6.824  8.228   -5.969  1.00 19.75 ? 9   DC  A OP1   1 
ATOM   164 O  OP2   . DC  A 1 9  ? -4.478  8.444   -7.032  1.00 16.08 ? 9   DC  A OP2   1 
ATOM   165 O  "O5'" . DC  A 1 9  ? -4.788  8.504   -4.620  1.00 14.91 ? 9   DC  A "O5'" 1 
ATOM   166 C  "C5'" . DC  A 1 9  ? -5.329  8.038   -3.379  1.00 14.48 ? 9   DC  A "C5'" 1 
ATOM   167 C  "C4'" . DC  A 1 9  ? -4.560  8.680   -2.258  1.00 14.75 ? 9   DC  A "C4'" 1 
ATOM   168 O  "O4'" . DC  A 1 9  ? -3.203  8.166   -2.273  1.00 11.56 ? 9   DC  A "O4'" 1 
ATOM   169 C  "C3'" . DC  A 1 9  ? -4.452  10.198  -2.367  1.00 15.62 ? 9   DC  A "C3'" 1 
ATOM   170 O  "O3'" . DC  A 1 9  ? -5.026  10.651  -1.150  1.00 19.92 ? 9   DC  A "O3'" 1 
ATOM   171 C  "C2'" . DC  A 1 9  ? -2.961  10.498  -2.354  1.00 12.24 ? 9   DC  A "C2'" 1 
ATOM   172 C  "C1'" . DC  A 1 9  ? -2.322  9.213   -1.874  1.00 10.72 ? 9   DC  A "C1'" 1 
ATOM   173 N  N1    . DC  A 1 9  ? -1.039  8.883   -2.482  1.00 9.29  ? 9   DC  A N1    1 
ATOM   174 C  C2    . DC  A 1 9  ? 0.111   8.702   -1.691  1.00 8.68  ? 9   DC  A C2    1 
ATOM   175 O  O2    . DC  A 1 9  ? 0.068   9.002   -0.493  1.00 9.49  ? 9   DC  A O2    1 
ATOM   176 N  N3    . DC  A 1 9  ? 1.244   8.231   -2.270  1.00 7.79  ? 9   DC  A N3    1 
ATOM   177 C  C4    . DC  A 1 9  ? 1.248   7.921   -3.568  1.00 7.60  ? 9   DC  A C4    1 
ATOM   178 N  N4    . DC  A 1 9  ? 2.362   7.421   -4.093  1.00 7.42  ? 9   DC  A N4    1 
ATOM   179 C  C5    . DC  A 1 9  ? 0.115   8.159   -4.403  1.00 8.00  ? 9   DC  A C5    1 
ATOM   180 C  C6    . DC  A 1 9  ? -1.001  8.622   -3.821  1.00 8.89  ? 9   DC  A C6    1 
ATOM   181 P  P     . DG  A 1 10 ? -5.500  12.170  -0.956  1.00 22.86 ? 10  DG  A P     1 
ATOM   182 O  OP1   . DG  A 1 10 ? -6.561  12.161  0.084   1.00 27.12 ? 10  DG  A OP1   1 
ATOM   183 O  OP2   . DG  A 1 10 ? -5.722  12.801  -2.253  1.00 19.86 ? 10  DG  A OP2   1 
ATOM   184 O  "O5'" . DG  A 1 10 ? -4.207  12.915  -0.381  1.00 18.64 ? 10  DG  A "O5'" 1 
ATOM   185 C  "C5'" . DG  A 1 10 ? -3.592  12.575  0.842   1.00 16.85 ? 10  DG  A "C5'" 1 
ATOM   186 C  "C4'" . DG  A 1 10 ? -2.261  13.286  0.873   1.00 16.09 ? 10  DG  A "C4'" 1 
ATOM   187 O  "O4'" . DG  A 1 10 ? -1.379  12.601  -0.058  1.00 13.57 ? 10  DG  A "O4'" 1 
ATOM   188 C  "C3'" . DG  A 1 10 ? -2.271  14.742  0.387   1.00 16.13 ? 10  DG  A "C3'" 1 
ATOM   189 O  "O3'" . DG  A 1 10 ? -1.319  15.522  1.111   1.00 17.97 ? 10  DG  A "O3'" 1 
ATOM   190 C  "C2'" . DG  A 1 10 ? -1.675  14.677  -1.015  1.00 16.48 ? 10  DG  A "C2'" 1 
ATOM   191 C  "C1'" . DG  A 1 10 ? -0.683  13.558  -0.802  1.00 14.04 ? 10  DG  A "C1'" 1 
ATOM   192 N  N9    . DG  A 1 10 ? -0.109  12.890  -1.967  1.00 11.95 ? 10  DG  A N9    1 
ATOM   193 C  C8    . DG  A 1 10 ? -0.606  12.740  -3.239  1.00 11.08 ? 10  DG  A C8    1 
ATOM   194 N  N7    . DG  A 1 10 ? 0.205   12.089  -4.028  1.00 10.94 ? 10  DG  A N7    1 
ATOM   195 C  C5    . DG  A 1 10 ? 1.284   11.767  -3.221  1.00 9.18  ? 10  DG  A C5    1 
ATOM   196 C  C6    . DG  A 1 10 ? 2.499   11.110  -3.536  1.00 8.70  ? 10  DG  A C6    1 
ATOM   197 O  O6    . DG  A 1 10 ? 2.831   10.590  -4.594  1.00 9.08  ? 10  DG  A O6    1 
ATOM   198 N  N1    . DG  A 1 10 ? 3.348   11.036  -2.435  1.00 7.42  ? 10  DG  A N1    1 
ATOM   199 C  C2    . DG  A 1 10 ? 3.080   11.595  -1.205  1.00 7.92  ? 10  DG  A C2    1 
ATOM   200 N  N2    . DG  A 1 10 ? 4.034   11.459  -0.277  1.00 8.45  ? 10  DG  A N2    1 
ATOM   201 N  N3    . DG  A 1 10 ? 1.936   12.193  -0.896  1.00 9.05  ? 10  DG  A N3    1 
ATOM   202 C  C4    . DG  A 1 10 ? 1.121   12.294  -1.957  1.00 10.10 ? 10  DG  A C4    1 
ATOM   203 P  P     . DC  A 1 11 ? -1.784  16.544  2.282   1.00 19.88 ? 11  DC  A P     1 
ATOM   204 O  OP1   . DC  A 1 11 ? -3.049  16.011  2.854   1.00 25.06 ? 11  DC  A OP1   1 
ATOM   205 O  OP2   . DC  A 1 11 ? -1.765  17.873  1.692   1.00 25.48 ? 11  DC  A OP2   1 
ATOM   206 O  "O5'" . DC  A 1 11 ? -0.595  16.375  3.326   1.00 18.77 ? 11  DC  A "O5'" 1 
ATOM   207 C  "C5'" . DC  A 1 11 ? -0.349  15.122  3.952   1.00 16.23 ? 11  DC  A "C5'" 1 
ATOM   208 C  "C4'" . DC  A 1 11 ? 1.142   14.900  4.113   1.00 15.95 ? 11  DC  A "C4'" 1 
ATOM   209 O  "O4'" . DC  A 1 11 ? 1.766   14.553  2.851   1.00 14.34 ? 11  DC  A "O4'" 1 
ATOM   210 C  "C3'" . DC  A 1 11 ? 1.907   16.116  4.616   1.00 15.96 ? 11  DC  A "C3'" 1 
ATOM   211 O  "O3'" . DC  A 1 11 ? 2.866   15.617  5.535   1.00 17.08 ? 11  DC  A "O3'" 1 
ATOM   212 C  "C2'" . DC  A 1 11 ? 2.529   16.727  3.360   1.00 15.88 ? 11  DC  A "C2'" 1 
ATOM   213 C  "C1'" . DC  A 1 11 ? 2.834   15.482  2.534   1.00 14.76 ? 11  DC  A "C1'" 1 
ATOM   214 N  N1    . DC  A 1 11 ? 2.838   15.607  1.087   1.00 12.65 ? 11  DC  A N1    1 
ATOM   215 C  C2    . DC  A 1 11 ? 3.832   14.927  0.361   1.00 10.22 ? 11  DC  A C2    1 
ATOM   216 O  O2    . DC  A 1 11 ? 4.738   14.364  0.982   1.00 10.39 ? 11  DC  A O2    1 
ATOM   217 N  N3    . DC  A 1 11 ? 3.734   14.864  -0.987  1.00 10.56 ? 11  DC  A N3    1 
ATOM   218 C  C4    . DC  A 1 11 ? 2.703   15.432  -1.612  1.00 10.81 ? 11  DC  A C4    1 
ATOM   219 N  N4    . DC  A 1 11 ? 2.625   15.303  -2.940  1.00 11.60 ? 11  DC  A N4    1 
ATOM   220 C  C5    . DC  A 1 11 ? 1.685   16.136  -0.899  1.00 12.32 ? 11  DC  A C5    1 
ATOM   221 C  C6    . DC  A 1 11 ? 1.773   16.160  0.435   1.00 12.03 ? 11  DC  A C6    1 
ATOM   222 P  P     . DG  A 1 12 ? 3.695   16.642  6.490   1.00 20.27 ? 12  DG  A P     1 
ATOM   223 O  OP1   . DG  A 1 12 ? 4.114   15.852  7.645   1.00 21.39 ? 12  DG  A OP1   1 
ATOM   224 O  OP2   . DG  A 1 12 ? 2.932   17.918  6.630   1.00 23.42 ? 12  DG  A OP2   1 
ATOM   225 O  "O5'" . DG  A 1 12 ? 4.978   17.019  5.632   1.00 18.82 ? 12  DG  A "O5'" 1 
ATOM   226 C  "C5'" . DG  A 1 12 ? 6.090   16.083  5.599   1.00 16.60 ? 12  DG  A "C5'" 1 
ATOM   227 C  "C4'" . DG  A 1 12 ? 7.179   16.714  4.762   1.00 15.30 ? 12  DG  A "C4'" 1 
ATOM   228 O  "O4'" . DG  A 1 12 ? 6.771   16.746  3.387   1.00 15.04 ? 12  DG  A "O4'" 1 
ATOM   229 C  "C3'" . DG  A 1 12 ? 7.467   18.173  5.131   1.00 14.05 ? 12  DG  A "C3'" 1 
ATOM   230 O  "O3'" . DG  A 1 12 ? 8.773   18.216  5.710   1.00 16.27 ? 12  DG  A "O3'" 1 
ATOM   231 C  "C2'" . DG  A 1 12 ? 7.351   18.954  3.825   1.00 13.56 ? 12  DG  A "C2'" 1 
ATOM   232 C  "C1'" . DG  A 1 12 ? 7.275   17.896  2.746   1.00 12.69 ? 12  DG  A "C1'" 1 
ATOM   233 N  N9    . DG  A 1 12 ? 6.371   18.167  1.648   1.00 11.56 ? 12  DG  A N9    1 
ATOM   234 C  C8    . DG  A 1 12 ? 5.072   18.623  1.716   1.00 11.81 ? 12  DG  A C8    1 
ATOM   235 N  N7    . DG  A 1 12 ? 4.473   18.626  0.555   1.00 12.40 ? 12  DG  A N7    1 
ATOM   236 C  C5    . DG  A 1 12 ? 5.393   18.041  -0.305  1.00 10.56 ? 12  DG  A C5    1 
ATOM   237 C  C6    . DG  A 1 12 ? 5.315   17.757  -1.698  1.00 10.91 ? 12  DG  A C6    1 
ATOM   238 O  O6    . DG  A 1 12 ? 4.387   17.983  -2.482  1.00 13.44 ? 12  DG  A O6    1 
ATOM   239 N  N1    . DG  A 1 12 ? 6.480   17.174  -2.167  1.00 9.29  ? 12  DG  A N1    1 
ATOM   240 C  C2    . DG  A 1 12 ? 7.599   16.939  -1.426  1.00 10.73 ? 12  DG  A C2    1 
ATOM   241 N  N2    . DG  A 1 12 ? 8.639   16.426  -2.079  1.00 9.80  ? 12  DG  A N2    1 
ATOM   242 N  N3    . DG  A 1 12 ? 7.699   17.212  -0.139  1.00 10.11 ? 12  DG  A N3    1 
ATOM   243 C  C4    . DG  A 1 12 ? 6.564   17.744  0.358   1.00 10.86 ? 12  DG  A C4    1 
ATOM   244 O  "O5'" . DC  B 1 1  ? 7.909   16.346  -10.946 1.00 23.50 ? 13  DC  B "O5'" 1 
ATOM   245 C  "C5'" . DC  B 1 1  ? 9.212   16.922  -10.790 1.00 19.98 ? 13  DC  B "C5'" 1 
ATOM   246 C  "C4'" . DC  B 1 1  ? 9.895   16.299  -9.595  1.00 17.93 ? 13  DC  B "C4'" 1 
ATOM   247 O  "O4'" . DC  B 1 1  ? 9.233   16.669  -8.366  1.00 15.09 ? 13  DC  B "O4'" 1 
ATOM   248 C  "C3'" . DC  B 1 1  ? 9.981   14.779  -9.597  1.00 18.13 ? 13  DC  B "C3'" 1 
ATOM   249 O  "O3'" . DC  B 1 1  ? 11.327  14.406  -9.274  1.00 20.80 ? 13  DC  B "O3'" 1 
ATOM   250 C  "C2'" . DC  B 1 1  ? 8.935   14.339  -8.591  1.00 16.45 ? 13  DC  B "C2'" 1 
ATOM   251 C  "C1'" . DC  B 1 1  ? 8.896   15.529  -7.601  1.00 16.03 ? 13  DC  B "C1'" 1 
ATOM   252 N  N1    . DC  B 1 1  ? 7.608   15.829  -6.942  1.00 13.17 ? 13  DC  B N1    1 
ATOM   253 C  C2    . DC  B 1 1  ? 7.548   16.100  -5.557  1.00 11.89 ? 13  DC  B C2    1 
ATOM   254 O  O2    . DC  B 1 1  ? 8.558   15.970  -4.875  1.00 12.89 ? 13  DC  B O2    1 
ATOM   255 N  N3    . DC  B 1 1  ? 6.384   16.461  -5.006  1.00 13.59 ? 13  DC  B N3    1 
ATOM   256 C  C4    . DC  B 1 1  ? 5.289   16.553  -5.763  1.00 14.86 ? 13  DC  B C4    1 
ATOM   257 N  N4    . DC  B 1 1  ? 4.151   16.889  -5.160  1.00 14.19 ? 13  DC  B N4    1 
ATOM   258 C  C5    . DC  B 1 1  ? 5.321   16.329  -7.171  1.00 14.56 ? 13  DC  B C5    1 
ATOM   259 C  C6    . DC  B 1 1  ? 6.493   15.994  -7.718  1.00 14.57 ? 13  DC  B C6    1 
ATOM   260 P  P     . DG  B 1 2  ? 11.810  12.905  -9.518  1.00 21.51 ? 14  DG  B P     1 
ATOM   261 O  OP1   . DG  B 1 2  ? 13.207  12.952  -10.075 1.00 24.56 ? 14  DG  B OP1   1 
ATOM   262 O  OP2   . DG  B 1 2  ? 10.744  12.192  -10.240 1.00 24.87 ? 14  DG  B OP2   1 
ATOM   263 O  "O5'" . DG  B 1 2  ? 11.761  12.292  -8.040  1.00 16.85 ? 14  DG  B "O5'" 1 
ATOM   264 C  "C5'" . DG  B 1 2  ? 12.530  12.951  -7.046  1.00 15.38 ? 14  DG  B "C5'" 1 
ATOM   265 C  "C4'" . DG  B 1 2  ? 12.091  12.459  -5.693  1.00 11.98 ? 14  DG  B "C4'" 1 
ATOM   266 O  "O4'" . DG  B 1 2  ? 10.793  13.015  -5.359  1.00 11.07 ? 14  DG  B "O4'" 1 
ATOM   267 C  "C3'" . DG  B 1 2  ? 11.957  10.943  -5.594  1.00 12.29 ? 14  DG  B "C3'" 1 
ATOM   268 O  "O3'" . DG  B 1 2  ? 12.972  10.557  -4.672  1.00 11.76 ? 14  DG  B "O3'" 1 
ATOM   269 C  "C2'" . DG  B 1 2  ? 10.529  10.699  -5.164  1.00 11.43 ? 14  DG  B "C2'" 1 
ATOM   270 C  "C1'" . DG  B 1 2  ? 10.100  12.043  -4.602  1.00 10.80 ? 14  DG  B "C1'" 1 
ATOM   271 N  N9    . DG  B 1 2  ? 8.692   12.318  -4.796  1.00 9.23  ? 14  DG  B N9    1 
ATOM   272 C  C8    . DG  B 1 2  ? 7.992   12.182  -5.967  1.00 10.35 ? 14  DG  B C8    1 
ATOM   273 N  N7    . DG  B 1 2  ? 6.743   12.532  -5.859  1.00 9.06  ? 14  DG  B N7    1 
ATOM   274 C  C5    . DG  B 1 2  ? 6.616   12.948  -4.537  1.00 7.95  ? 14  DG  B C5    1 
ATOM   275 C  C6    . DG  B 1 2  ? 5.485   13.391  -3.824  1.00 7.70  ? 14  DG  B C6    1 
ATOM   276 O  O6    . DG  B 1 2  ? 4.359   13.615  -4.255  1.00 8.36  ? 14  DG  B O6    1 
ATOM   277 N  N1    . DG  B 1 2  ? 5.796   13.691  -2.503  1.00 7.61  ? 14  DG  B N1    1 
ATOM   278 C  C2    . DG  B 1 2  ? 7.023   13.533  -1.928  1.00 7.82  ? 14  DG  B C2    1 
ATOM   279 N  N2    . DG  B 1 2  ? 7.121   13.846  -0.631  1.00 7.58  ? 14  DG  B N2    1 
ATOM   280 N  N3    . DG  B 1 2  ? 8.088   13.084  -2.582  1.00 8.28  ? 14  DG  B N3    1 
ATOM   281 C  C4    . DG  B 1 2  ? 7.804   12.803  -3.864  1.00 8.38  ? 14  DG  B C4    1 
ATOM   282 P  P     . DC  B 1 3  ? 13.117  9.019   -4.226  1.00 11.25 ? 15  DC  B P     1 
ATOM   283 O  OP1   . DC  B 1 3  ? 14.570  8.887   -3.837  1.00 13.40 ? 15  DC  B OP1   1 
ATOM   284 O  OP2   . DC  B 1 3  ? 12.481  8.161   -5.248  1.00 14.27 ? 15  DC  B OP2   1 
ATOM   285 O  "O5'" . DC  B 1 3  ? 12.273  8.915   -2.889  1.00 10.22 ? 15  DC  B "O5'" 1 
ATOM   286 C  "C5'" . DC  B 1 3  ? 12.580  9.724   -1.734  1.00 9.51  ? 15  DC  B "C5'" 1 
ATOM   287 C  "C4'" . DC  B 1 3  ? 11.386  9.790   -0.816  1.00 9.49  ? 15  DC  B "C4'" 1 
ATOM   288 O  "O4'" . DC  B 1 3  ? 10.303  10.357  -1.553  1.00 9.59  ? 15  DC  B "O4'" 1 
ATOM   289 C  "C3'" . DC  B 1 3  ? 10.858  8.447   -0.343  1.00 10.28 ? 15  DC  B "C3'" 1 
ATOM   290 O  "O3'" . DC  B 1 3  ? 11.579  8.075   0.842   1.00 11.51 ? 15  DC  B "O3'" 1 
ATOM   291 C  "C2'" . DC  B 1 3  ? 9.438   8.820   0.029   1.00 10.77 ? 15  DC  B "C2'" 1 
ATOM   292 C  "C1'" . DC  B 1 3  ? 9.091   9.947   -0.917  1.00 9.33  ? 15  DC  B "C1'" 1 
ATOM   293 N  N1    . DC  B 1 3  ? 8.124   9.595   -1.945  1.00 8.51  ? 15  DC  B N1    1 
ATOM   294 C  C2    . DC  B 1 3  ? 6.826   10.050  -1.811  1.00 7.72  ? 15  DC  B C2    1 
ATOM   295 O  O2    . DC  B 1 3  ? 6.478   10.528  -0.733  1.00 8.21  ? 15  DC  B O2    1 
ATOM   296 N  N3    . DC  B 1 3  ? 5.956   9.883   -2.812  1.00 6.63  ? 15  DC  B N3    1 
ATOM   297 C  C4    . DC  B 1 3  ? 6.344   9.278   -3.934  1.00 7.65  ? 15  DC  B C4    1 
ATOM   298 N  N4    . DC  B 1 3  ? 5.451   9.144   -4.895  1.00 8.40  ? 15  DC  B N4    1 
ATOM   299 C  C5    . DC  B 1 3  ? 7.656   8.764   -4.097  1.00 7.92  ? 15  DC  B C5    1 
ATOM   300 C  C6    . DC  B 1 3  ? 8.512   8.950   -3.086  1.00 8.20  ? 15  DC  B C6    1 
ATOM   301 P  P     . DG  B 1 4  ? 11.408  6.625   1.505   1.00 13.39 ? 16  DG  B P     1 
ATOM   302 O  OP1   . DG  B 1 4  ? 12.634  6.347   2.298   1.00 17.19 ? 16  DG  B OP1   1 
ATOM   303 O  OP2   . DG  B 1 4  ? 10.934  5.629   0.508   1.00 15.40 ? 16  DG  B OP2   1 
ATOM   304 O  "O5'" . DG  B 1 4  ? 10.202  6.812   2.516   1.00 12.15 ? 16  DG  B "O5'" 1 
ATOM   305 C  "C5'" . DG  B 1 4  ? 10.246  7.762   3.585   1.00 12.34 ? 16  DG  B "C5'" 1 
ATOM   306 C  "C4'" . DG  B 1 4  ? 8.898   7.827   4.255   1.00 12.56 ? 16  DG  B "C4'" 1 
ATOM   307 O  "O4'" . DG  B 1 4  ? 7.898   8.204   3.271   1.00 11.08 ? 16  DG  B "O4'" 1 
ATOM   308 C  "C3'" . DG  B 1 4  ? 8.417   6.515   4.882   1.00 12.60 ? 16  DG  B "C3'" 1 
ATOM   309 O  "O3'" . DG  B 1 4  ? 7.698   6.913   6.030   1.00 14.70 ? 16  DG  B "O3'" 1 
ATOM   310 C  "C2'" . DG  B 1 4  ? 7.542   5.921   3.793   1.00 11.45 ? 16  DG  B "C2'" 1 
ATOM   311 C  "C1'" . DG  B 1 4  ? 6.946   7.127   3.119   1.00 10.27 ? 16  DG  B "C1'" 1 
ATOM   312 N  N9    . DG  B 1 4  ? 6.672   6.935   1.692   1.00 8.73  ? 16  DG  B N9    1 
ATOM   313 C  C8    . DG  B 1 4  ? 7.398   6.216   0.776   1.00 8.84  ? 16  DG  B C8    1 
ATOM   314 N  N7    . DG  B 1 4  ? 6.841   6.177   -0.406  1.00 8.65  ? 16  DG  B N7    1 
ATOM   315 C  C5    . DG  B 1 4  ? 5.655   6.875   -0.252  1.00 7.05  ? 16  DG  B C5    1 
ATOM   316 C  C6    . DG  B 1 4  ? 4.655   7.204   -1.201  1.00 6.70  ? 16  DG  B C6    1 
ATOM   317 O  O6    . DG  B 1 4  ? 4.586   6.879   -2.390  1.00 7.06  ? 16  DG  B O6    1 
ATOM   318 N  N1    . DG  B 1 4  ? 3.603   7.900   -0.614  1.00 6.32  ? 16  DG  B N1    1 
ATOM   319 C  C2    . DG  B 1 4  ? 3.585   8.351   0.685   1.00 6.41  ? 16  DG  B C2    1 
ATOM   320 N  N2    . DG  B 1 4  ? 2.517   9.055   1.037   1.00 6.73  ? 16  DG  B N2    1 
ATOM   321 N  N3    . DG  B 1 4  ? 4.556   8.119   1.562   1.00 7.39  ? 16  DG  B N3    1 
ATOM   322 C  C4    . DG  B 1 4  ? 5.553   7.389   1.026   1.00 7.68  ? 16  DG  B C4    1 
ATOM   323 P  P     . DA  B 1 5  ? 6.606   5.974   6.780   1.00 17.34 ? 17  DA  B P     1 
ATOM   324 O  OP1   . DA  B 1 5  ? 6.663   6.323   8.214   1.00 19.08 ? 17  DA  B OP1   1 
ATOM   325 O  OP2   . DA  B 1 5  ? 6.802   4.583   6.375   1.00 17.96 ? 17  DA  B OP2   1 
ATOM   326 O  "O5'" . DA  B 1 5  ? 5.235   6.567   6.241   1.00 14.38 ? 17  DA  B "O5'" 1 
ATOM   327 C  "C5'" . DA  B 1 5  ? 4.913   7.957   6.328   1.00 14.07 ? 17  DA  B "C5'" 1 
ATOM   328 C  "C4'" . DA  B 1 5  ? 3.457   8.154   5.992   1.00 13.25 ? 17  DA  B "C4'" 1 
ATOM   329 O  "O4'" . DA  B 1 5  ? 3.224   7.791   4.596   1.00 12.20 ? 17  DA  B "O4'" 1 
ATOM   330 C  "C3'" . DA  B 1 5  ? 2.506   7.281   6.808   1.00 13.74 ? 17  DA  B "C3'" 1 
ATOM   331 O  "O3'" . DA  B 1 5  ? 1.323   8.029   7.066   1.00 17.36 ? 17  DA  B "O3'" 1 
ATOM   332 C  "C2'" . DA  B 1 5  ? 2.245   6.085   5.908   1.00 12.69 ? 17  DA  B "C2'" 1 
ATOM   333 C  "C1'" . DA  B 1 5  ? 2.315   6.686   4.510   1.00 11.63 ? 17  DA  B "C1'" 1 
ATOM   334 N  N9    . DA  B 1 5  ? 2.830   5.823   3.454   1.00 9.89  ? 17  DA  B N9    1 
ATOM   335 C  C8    . DA  B 1 5  ? 3.999   5.107   3.476   1.00 8.66  ? 17  DA  B C8    1 
ATOM   336 N  N7    . DA  B 1 5  ? 4.299   4.531   2.335   1.00 9.42  ? 17  DA  B N7    1 
ATOM   337 C  C5    . DA  B 1 5  ? 3.232   4.870   1.509   1.00 7.47  ? 17  DA  B C5    1 
ATOM   338 C  C6    . DA  B 1 5  ? 2.944   4.571   0.157   1.00 6.61  ? 17  DA  B C6    1 
ATOM   339 N  N6    . DA  B 1 5  ? 3.761   3.875   -0.634  1.00 6.43  ? 17  DA  B N6    1 
ATOM   340 N  N1    . DA  B 1 5  ? 1.805   5.079   -0.363  1.00 6.39  ? 17  DA  B N1    1 
ATOM   341 C  C2    . DA  B 1 5  ? 0.999   5.800   0.426   1.00 6.57  ? 17  DA  B C2    1 
ATOM   342 N  N3    . DA  B 1 5  ? 1.174   6.168   1.706   1.00 7.40  ? 17  DA  B N3    1 
ATOM   343 C  C4    . DA  B 1 5  ? 2.305   5.640   2.196   1.00 7.81  ? 17  DA  B C4    1 
ATOM   344 P  P     . DA  B 1 6  ? 0.125   7.396   7.967   1.00 21.79 ? 18  DA  B P     1 
ATOM   345 O  OP1   . DA  B 1 6  ? -0.526  8.499   8.704   1.00 27.10 ? 18  DA  B OP1   1 
ATOM   346 O  OP2   . DA  B 1 6  ? 0.640   6.172   8.643   1.00 23.91 ? 18  DA  B OP2   1 
ATOM   347 O  "O5'" . DA  B 1 6  ? -0.836  6.778   6.857   1.00 20.63 ? 18  DA  B "O5'" 1 
ATOM   348 C  "C5'" . DA  B 1 6  ? -1.515  7.604   5.914   1.00 16.84 ? 18  DA  B "C5'" 1 
ATOM   349 C  "C4'" . DA  B 1 6  ? -2.225  6.713   4.923   1.00 15.18 ? 18  DA  B "C4'" 1 
ATOM   350 O  "O4'" . DA  B 1 6  ? -1.262  5.963   4.138   1.00 11.84 ? 18  DA  B "O4'" 1 
ATOM   351 C  "C3'" . DA  B 1 6  ? -3.156  5.676   5.561   1.00 14.83 ? 18  DA  B "C3'" 1 
ATOM   352 O  "O3'" . DA  B 1 6  ? -4.453  6.103   5.165   1.00 17.57 ? 18  DA  B "O3'" 1 
ATOM   353 C  "C2'" . DA  B 1 6  ? -2.673  4.329   5.022   1.00 13.42 ? 18  DA  B "C2'" 1 
ATOM   354 C  "C1'" . DA  B 1 6  ? -1.865  4.716   3.788   1.00 10.99 ? 18  DA  B "C1'" 1 
ATOM   355 N  N9    . DA  B 1 6  ? -0.785  3.827   3.373   1.00 9.38  ? 18  DA  B N9    1 
ATOM   356 C  C8    . DA  B 1 6  ? 0.283   3.414   4.127   1.00 8.82  ? 18  DA  B C8    1 
ATOM   357 N  N7    . DA  B 1 6  ? 1.151   2.687   3.472   1.00 8.83  ? 18  DA  B N7    1 
ATOM   358 C  C5    . DA  B 1 6  ? 0.609   2.597   2.195   1.00 7.50  ? 18  DA  B C5    1 
ATOM   359 C  C6    . DA  B 1 6  ? 1.062   1.976   1.018   1.00 6.85  ? 18  DA  B C6    1 
ATOM   360 N  N6    . DA  B 1 6  ? 2.214   1.325   0.926   1.00 7.19  ? 18  DA  B N6    1 
ATOM   361 N  N1    . DA  B 1 6  ? 0.273   2.059   -0.076  1.00 6.55  ? 18  DA  B N1    1 
ATOM   362 C  C2    . DA  B 1 6  ? -0.815  2.811   -0.013  1.00 6.81  ? 18  DA  B C2    1 
ATOM   363 N  N3    . DA  B 1 6  ? -1.375  3.397   1.042   1.00 7.54  ? 18  DA  B N3    1 
ATOM   364 C  C4    . DA  B 1 6  ? -0.582  3.291   2.120   1.00 7.61  ? 18  DA  B C4    1 
ATOM   365 P  P     . DT  B 1 7  ? -5.769  5.259   5.611   1.00 19.63 ? 19  DT  B P     1 
ATOM   366 O  OP1   . DT  B 1 7  ? -6.903  6.207   5.668   1.00 23.89 ? 19  DT  B OP1   1 
ATOM   367 O  OP2   . DT  B 1 7  ? -5.409  4.348   6.701   1.00 20.03 ? 19  DT  B OP2   1 
ATOM   368 O  "O5'" . DT  B 1 7  ? -6.011  4.306   4.355   1.00 16.04 ? 19  DT  B "O5'" 1 
ATOM   369 C  "C5'" . DT  B 1 7  ? -6.172  4.857   3.053   1.00 15.24 ? 19  DT  B "C5'" 1 
ATOM   370 C  "C4'" . DT  B 1 7  ? -6.091  3.734   2.043   1.00 14.47 ? 19  DT  B "C4'" 1 
ATOM   371 O  "O4'" . DT  B 1 7  ? -4.771  3.114   2.052   1.00 11.45 ? 19  DT  B "O4'" 1 
ATOM   372 C  "C3'" . DT  B 1 7  ? -7.068  2.593   2.313   1.00 13.53 ? 19  DT  B "C3'" 1 
ATOM   373 O  "O3'" . DT  B 1 7  ? -8.080  2.736   1.329   1.00 16.94 ? 19  DT  B "O3'" 1 
ATOM   374 C  "C2'" . DT  B 1 7  ? -6.213  1.336   2.247   1.00 12.66 ? 19  DT  B "C2'" 1 
ATOM   375 C  "C1'" . DT  B 1 7  ? -4.921  1.795   1.612   1.00 11.24 ? 19  DT  B "C1'" 1 
ATOM   376 N  N1    . DT  B 1 7  ? -3.706  1.032   1.982   1.00 10.13 ? 19  DT  B N1    1 
ATOM   377 C  C2    . DT  B 1 7  ? -2.984  0.441   0.963   1.00 9.00  ? 19  DT  B C2    1 
ATOM   378 O  O2    . DT  B 1 7  ? -3.350  0.422   -0.199  1.00 9.89  ? 19  DT  B O2    1 
ATOM   379 N  N3    . DT  B 1 7  ? -1.831  -0.160  1.361   1.00 8.17  ? 19  DT  B N3    1 
ATOM   380 C  C4    . DT  B 1 7  ? -1.286  -0.168  2.627   1.00 7.93  ? 19  DT  B C4    1 
ATOM   381 O  O4    . DT  B 1 7  ? -0.225  -0.746  2.820   1.00 9.20  ? 19  DT  B O4    1 
ATOM   382 C  C5    . DT  B 1 7  ? -2.110  0.440   3.658   1.00 8.62  ? 19  DT  B C5    1 
ATOM   383 C  C7    . DT  B 1 7  ? -1.616  0.464   5.068   1.00 8.95  ? 19  DT  B C7    1 
ATOM   384 C  C6    . DT  B 1 7  ? -3.237  1.048   3.277   1.00 8.69  ? 19  DT  B C6    1 
ATOM   385 P  P     . DT  B 1 8  ? -9.273  1.713   1.243   1.00 18.55 ? 20  DT  B P     1 
ATOM   386 O  OP1   . DT  B 1 8  ? -10.360 2.330   0.456   1.00 22.75 ? 20  DT  B OP1   1 
ATOM   387 O  OP2   . DT  B 1 8  ? -9.485  1.027   2.563   1.00 20.06 ? 20  DT  B OP2   1 
ATOM   388 O  "O5'" . DT  B 1 8  ? -8.664  0.534   0.385   1.00 15.44 ? 20  DT  B "O5'" 1 
ATOM   389 C  "C5'" . DT  B 1 8  ? -8.266  0.822   -0.938  1.00 15.33 ? 20  DT  B "C5'" 1 
ATOM   390 C  "C4'" . DT  B 1 8  ? -7.636  -0.410  -1.525  1.00 14.49 ? 20  DT  B "C4'" 1 
ATOM   391 O  "O4'" . DT  B 1 8  ? -6.446  -0.738  -0.792  1.00 13.85 ? 20  DT  B "O4'" 1 
ATOM   392 C  "C3'" . DT  B 1 8  ? -8.518  -1.661  -1.486  1.00 15.93 ? 20  DT  B "C3'" 1 
ATOM   393 O  "O3'" . DT  B 1 8  ? -8.796  -1.885  -2.854  1.00 19.13 ? 20  DT  B "O3'" 1 
ATOM   394 C  "C2'" . DT  B 1 8  ? -7.674  -2.711  -0.779  1.00 13.75 ? 20  DT  B "C2'" 1 
ATOM   395 C  "C1'" . DT  B 1 8  ? -6.260  -2.143  -0.874  1.00 12.98 ? 20  DT  B "C1'" 1 
ATOM   396 N  N1    . DT  B 1 8  ? -5.376  -2.505  0.195   1.00 12.75 ? 20  DT  B N1    1 
ATOM   397 C  C2    . DT  B 1 8  ? -4.162  -3.096  -0.083  1.00 11.79 ? 20  DT  B C2    1 
ATOM   398 O  O2    . DT  B 1 8  ? -3.857  -3.471  -1.191  1.00 13.15 ? 20  DT  B O2    1 
ATOM   399 N  N3    . DT  B 1 8  ? -3.365  -3.302  1.012   1.00 11.51 ? 20  DT  B N3    1 
ATOM   400 C  C4    . DT  B 1 8  ? -3.622  -2.921  2.319   1.00 11.16 ? 20  DT  B C4    1 
ATOM   401 O  O4    . DT  B 1 8  ? -2.782  -3.115  3.199   1.00 12.62 ? 20  DT  B O4    1 
ATOM   402 C  C5    . DT  B 1 8  ? -4.928  -2.341  2.543   1.00 11.41 ? 20  DT  B C5    1 
ATOM   403 C  C7    . DT  B 1 8  ? -5.302  -1.910  3.925   1.00 12.91 ? 20  DT  B C7    1 
ATOM   404 C  C6    . DT  B 1 8  ? -5.711  -2.133  1.477   1.00 11.08 ? 20  DT  B C6    1 
ATOM   405 P  P     . DC  B 1 9  ? -9.790  -3.066  -3.356  1.00 23.03 ? 21  DC  B P     1 
ATOM   406 O  OP1   . DC  B 1 9  ? -10.252 -2.687  -4.707  1.00 26.42 ? 21  DC  B OP1   1 
ATOM   407 O  OP2   . DC  B 1 9  ? -10.707 -3.422  -2.265  1.00 27.74 ? 21  DC  B OP2   1 
ATOM   408 O  "O5'" . DC  B 1 9  ? -8.843  -4.336  -3.447  1.00 18.34 ? 21  DC  B "O5'" 1 
ATOM   409 C  "C5'" . DC  B 1 9  ? -7.753  -4.286  -4.363  1.00 15.79 ? 21  DC  B "C5'" 1 
ATOM   410 C  "C4'" . DC  B 1 9  ? -6.854  -5.474  -4.149  1.00 13.98 ? 21  DC  B "C4'" 1 
ATOM   411 O  "O4'" . DC  B 1 9  ? -6.203  -5.364  -2.880  1.00 13.87 ? 21  DC  B "O4'" 1 
ATOM   412 C  "C3'" . DC  B 1 9  ? -7.574  -6.816  -4.120  1.00 14.19 ? 21  DC  B "C3'" 1 
ATOM   413 O  "O3'" . DC  B 1 9  ? -7.221  -7.383  -5.347  1.00 15.93 ? 21  DC  B "O3'" 1 
ATOM   414 C  "C2'" . DC  B 1 9  ? -6.945  -7.540  -2.932  1.00 13.67 ? 21  DC  B "C2'" 1 
ATOM   415 C  "C1'" . DC  B 1 9  ? -5.794  -6.666  -2.511  1.00 12.05 ? 21  DC  B "C1'" 1 
ATOM   416 N  N1    . DC  B 1 9  ? -5.525  -6.633  -1.076  1.00 12.14 ? 21  DC  B N1    1 
ATOM   417 C  C2    . DC  B 1 9  ? -4.244  -7.005  -0.606  1.00 9.67  ? 21  DC  B C2    1 
ATOM   418 O  O2    . DC  B 1 9  ? -3.428  -7.511  -1.399  1.00 12.41 ? 21  DC  B O2    1 
ATOM   419 N  N3    . DC  B 1 9  ? -3.957  -6.843  0.709   1.00 10.94 ? 21  DC  B N3    1 
ATOM   420 C  C4    . DC  B 1 9  ? -4.863  -6.316  1.530   1.00 9.54  ? 21  DC  B C4    1 
ATOM   421 N  N4    . DC  B 1 9  ? -4.509  -6.115  2.798   1.00 10.56 ? 21  DC  B N4    1 
ATOM   422 C  C5    . DC  B 1 9  ? -6.152  -5.909  1.078   1.00 10.98 ? 21  DC  B C5    1 
ATOM   423 C  C6    . DC  B 1 9  ? -6.447  -6.107  -0.220  1.00 11.24 ? 21  DC  B C6    1 
ATOM   424 P  P     . DG  B 1 10 ? -7.933  -8.693  -5.879  1.00 18.67 ? 22  DG  B P     1 
ATOM   425 O  OP1   . DG  B 1 10 ? -7.629  -8.800  -7.333  1.00 22.33 ? 22  DG  B OP1   1 
ATOM   426 O  OP2   . DG  B 1 10 ? -9.273  -8.778  -5.349  1.00 18.39 ? 22  DG  B OP2   1 
ATOM   427 O  "O5'" . DG  B 1 10 ? -7.166  -9.872  -5.113  1.00 17.94 ? 22  DG  B "O5'" 1 
ATOM   428 C  "C5'" . DG  B 1 10 ? -5.865  -10.223 -5.540  1.00 15.51 ? 22  DG  B "C5'" 1 
ATOM   429 C  "C4'" . DG  B 1 10 ? -5.306  -11.285 -4.624  1.00 16.00 ? 22  DG  B "C4'" 1 
ATOM   430 O  "O4'" . DG  B 1 10 ? -5.143  -10.715 -3.305  1.00 14.66 ? 22  DG  B "O4'" 1 
ATOM   431 C  "C3'" . DG  B 1 10 ? -6.255  -12.460 -4.449  1.00 16.34 ? 22  DG  B "C3'" 1 
ATOM   432 O  "O3'" . DG  B 1 10 ? -5.516  -13.666 -4.304  1.00 18.52 ? 22  DG  B "O3'" 1 
ATOM   433 C  "C2'" . DG  B 1 10 ? -6.904  -12.205 -3.110  1.00 14.59 ? 22  DG  B "C2'" 1 
ATOM   434 C  "C1'" . DG  B 1 10 ? -5.705  -11.645 -2.391  1.00 14.04 ? 22  DG  B "C1'" 1 
ATOM   435 N  N9    . DG  B 1 10 ? -5.980  -10.942 -1.166  1.00 11.34 ? 22  DG  B N9    1 
ATOM   436 C  C8    . DG  B 1 10 ? -7.100  -10.237 -0.818  1.00 11.53 ? 22  DG  B C8    1 
ATOM   437 N  N7    . DG  B 1 10 ? -7.015  -9.692  0.363   1.00 11.59 ? 22  DG  B N7    1 
ATOM   438 C  C5    . DG  B 1 10 ? -5.760  -10.082 0.822   1.00 9.49  ? 22  DG  B C5    1 
ATOM   439 C  C6    . DG  B 1 10 ? -5.099  -9.790  2.024   1.00 8.96  ? 22  DG  B C6    1 
ATOM   440 O  O6    . DG  B 1 10 ? -5.514  -9.136  2.970   1.00 8.77  ? 22  DG  B O6    1 
ATOM   441 N  N1    . DG  B 1 10 ? -3.828  -10.351 2.061   1.00 8.26  ? 22  DG  B N1    1 
ATOM   442 C  C2    . DG  B 1 10 ? -3.254  -11.080 1.068   1.00 9.47  ? 22  DG  B C2    1 
ATOM   443 N  N2    . DG  B 1 10 ? -2.012  -11.547 1.296   1.00 9.92  ? 22  DG  B N2    1 
ATOM   444 N  N3    . DG  B 1 10 ? -3.868  -11.372 -0.061  1.00 9.64  ? 22  DG  B N3    1 
ATOM   445 C  C4    . DG  B 1 10 ? -5.091  -10.804 -0.132  1.00 10.43 ? 22  DG  B C4    1 
ATOM   446 P  P     . DC  B 1 11 ? -6.116  -15.041 -4.834  1.00 19.12 ? 23  DC  B P     1 
ATOM   447 O  OP1   . DC  B 1 11 ? -5.955  -15.080 -6.321  1.00 22.98 ? 23  DC  B OP1   1 
ATOM   448 O  OP2   . DC  B 1 11 ? -7.411  -15.315 -4.146  1.00 19.69 ? 23  DC  B OP2   1 
ATOM   449 O  "O5'" . DC  B 1 11 ? -4.990  -16.037 -4.306  1.00 18.56 ? 23  DC  B "O5'" 1 
ATOM   450 C  "C5'" . DC  B 1 11 ? -3.601  -15.904 -4.669  1.00 17.52 ? 23  DC  B "C5'" 1 
ATOM   451 C  "C4'" . DC  B 1 11 ? -2.722  -16.034 -3.443  1.00 16.52 ? 23  DC  B "C4'" 1 
ATOM   452 O  "O4'" . DC  B 1 11 ? -2.939  -14.920 -2.570  1.00 15.24 ? 23  DC  B "O4'" 1 
ATOM   453 C  "C3'" . DC  B 1 11 ? -3.007  -17.239 -2.563  1.00 16.05 ? 23  DC  B "C3'" 1 
ATOM   454 O  "O3'" . DC  B 1 11 ? -2.192  -18.289 -2.992  1.00 15.78 ? 23  DC  B "O3'" 1 
ATOM   455 C  "C2'" . DC  B 1 11 ? -2.448  -16.816 -1.225  1.00 15.35 ? 23  DC  B "C2'" 1 
ATOM   456 C  "C1'" . DC  B 1 11 ? -2.755  -15.369 -1.217  1.00 15.04 ? 23  DC  B "C1'" 1 
ATOM   457 N  N1    . DC  B 1 11 ? -3.932  -14.993 -0.471  1.00 12.03 ? 23  DC  B N1    1 
ATOM   458 C  C2    . DC  B 1 11 ? -3.751  -14.687 0.861   1.00 9.88  ? 23  DC  B C2    1 
ATOM   459 O  O2    . DC  B 1 11 ? -2.630  -14.865 1.348   1.00 9.58  ? 23  DC  B O2    1 
ATOM   460 N  N3    . DC  B 1 11 ? -4.772  -14.122 1.552   1.00 9.19  ? 23  DC  B N3    1 
ATOM   461 C  C4    . DC  B 1 11 ? -5.962  -13.974 0.967   1.00 9.65  ? 23  DC  B C4    1 
ATOM   462 N  N4    . DC  B 1 11 ? -6.955  -13.461 1.678   1.00 11.29 ? 23  DC  B N4    1 
ATOM   463 C  C5    . DC  B 1 11 ? -6.211  -14.445 -0.352  1.00 11.41 ? 23  DC  B C5    1 
ATOM   464 C  C6    . DC  B 1 11 ? -5.168  -14.894 -1.044  1.00 11.02 ? 23  DC  B C6    1 
ATOM   465 P  P     . DG  B 1 12 ? -2.574  -19.787 -2.578  1.00 15.65 ? 24  DG  B P     1 
ATOM   466 O  OP1   . DG  B 1 12 ? -1.712  -20.624 -3.437  1.00 16.57 ? 24  DG  B OP1   1 
ATOM   467 O  OP2   . DG  B 1 12 ? -4.032  -19.948 -2.541  1.00 17.54 ? 24  DG  B OP2   1 
ATOM   468 O  "O5'" . DG  B 1 12 ? -1.976  -19.958 -1.091  1.00 14.04 ? 24  DG  B "O5'" 1 
ATOM   469 C  "C5'" . DG  B 1 12 ? -0.574  -19.981 -0.825  1.00 11.73 ? 24  DG  B "C5'" 1 
ATOM   470 C  "C4'" . DG  B 1 12 ? -0.358  -19.843 0.669   1.00 11.09 ? 24  DG  B "C4'" 1 
ATOM   471 O  "O4'" . DG  B 1 12 ? -0.927  -18.598 1.127   1.00 9.83  ? 24  DG  B "O4'" 1 
ATOM   472 C  "C3'" . DG  B 1 12 ? -1.047  -20.917 1.508   1.00 10.29 ? 24  DG  B "C3'" 1 
ATOM   473 O  "O3'" . DG  B 1 12 ? -0.229  -22.085 1.613   1.00 11.45 ? 24  DG  B "O3'" 1 
ATOM   474 C  "C2'" . DG  B 1 12 ? -1.224  -20.226 2.843   1.00 10.18 ? 24  DG  B "C2'" 1 
ATOM   475 C  "C1'" . DG  B 1 12 ? -1.527  -18.805 2.437   1.00 9.46  ? 24  DG  B "C1'" 1 
ATOM   476 N  N9    . DG  B 1 12 ? -2.935  -18.441 2.331   1.00 8.18  ? 24  DG  B N9    1 
ATOM   477 C  C8    . DG  B 1 12 ? -3.752  -18.605 1.241   1.00 9.12  ? 24  DG  B C8    1 
ATOM   478 N  N7    . DG  B 1 12 ? -4.937  -18.077 1.400   1.00 8.97  ? 24  DG  B N7    1 
ATOM   479 C  C5    . DG  B 1 12 ? -4.896  -17.521 2.669   1.00 7.75  ? 24  DG  B C5    1 
ATOM   480 C  C6    . DG  B 1 12 ? -5.879  -16.792 3.381   1.00 7.07  ? 24  DG  B C6    1 
ATOM   481 O  O6    . DG  B 1 12 ? -7.005  -16.471 3.004   1.00 9.27  ? 24  DG  B O6    1 
ATOM   482 N  N1    . DG  B 1 12 ? -5.409  -16.365 4.622   1.00 6.61  ? 24  DG  B N1    1 
ATOM   483 C  C2    . DG  B 1 12 ? -4.200  -16.729 5.164   1.00 6.84  ? 24  DG  B C2    1 
ATOM   484 N  N2    . DG  B 1 12 ? -3.960  -16.336 6.401   1.00 7.39  ? 24  DG  B N2    1 
ATOM   485 N  N3    . DG  B 1 12 ? -3.272  -17.416 4.506   1.00 6.89  ? 24  DG  B N3    1 
ATOM   486 C  C4    . DG  B 1 12 ? -3.675  -17.752 3.268   1.00 7.28  ? 24  DG  B C4    1 
HETATM 487 N  N1    . X8V C 2 .  ? -2.197  -7.767  -6.537  1.00 28.69 ? 101 X8V A N1    1 
HETATM 488 N  N3    . X8V C 2 .  ? -4.424  1.928   -2.536  1.00 17.80 ? 101 X8V A N3    1 
HETATM 489 C  C4    . X8V C 2 .  ? -5.219  0.342   -4.041  1.00 16.79 ? 101 X8V A C4    1 
HETATM 490 C  C5    . X8V C 2 .  ? -4.054  -3.175  -5.080  1.00 16.06 ? 101 X8V A C5    1 
HETATM 491 C  C6    . X8V C 2 .  ? -3.361  -3.810  -4.071  1.00 16.07 ? 101 X8V A C6    1 
HETATM 492 C  C7    . X8V C 2 .  ? -2.826  -5.083  -4.127  1.00 19.14 ? 101 X8V A C7    1 
HETATM 493 C  C8    . X8V C 2 .  ? -2.898  -5.858  -5.270  1.00 20.26 ? 101 X8V A C8    1 
HETATM 494 C  C10   . X8V C 2 .  ? -4.149  -3.938  -6.241  1.00 18.01 ? 101 X8V A C10   1 
HETATM 495 C  C13   . X8V C 2 .  ? -6.324  2.422   -3.352  1.00 18.41 ? 101 X8V A C13   1 
HETATM 496 C  C15   . X8V C 2 .  ? -4.803  3.137   -2.013  1.00 17.27 ? 101 X8V A C15   1 
HETATM 497 C  C17   . X8V C 2 .  ? -6.112  5.452   -1.330  1.00 18.27 ? 101 X8V A C17   1 
HETATM 498 C  C20   . X8V C 2 .  ? -4.221  6.093   0.087   1.00 18.88 ? 101 X8V A C20   1 
HETATM 499 C  C14   . X8V C 2 .  ? -5.998  3.443   -2.529  1.00 18.81 ? 101 X8V A C14   1 
HETATM 500 C  C16   . X8V C 2 .  ? -6.662  4.555   -2.212  1.00 17.85 ? 101 X8V A C16   1 
HETATM 501 C  C18   . X8V C 2 .  ? -4.847  5.194   -0.790  1.00 17.16 ? 101 X8V A C18   1 
HETATM 502 N  N5    . X8V C 2 .  ? -2.912  6.084   0.118   1.00 17.99 ? 101 X8V A N5    1 
HETATM 503 N  N4    . X8V C 2 .  ? -4.914  7.010   0.797   1.00 20.39 ? 101 X8V A N4    1 
HETATM 504 C  C19   . X8V C 2 .  ? -4.190  3.978   -1.178  1.00 14.17 ? 101 X8V A C19   1 
HETATM 505 C  C12   . X8V C 2 .  ? -5.334  1.531   -3.373  1.00 18.03 ? 101 X8V A C12   1 
HETATM 506 S  S1    . X8V C 2 .  ? -4.165  -0.879  -3.682  1.00 18.49 ? 101 X8V A S1    1 
HETATM 507 C  C3    . X8V C 2 .  ? -5.951  -0.084  -5.128  1.00 17.81 ? 101 X8V A C3    1 
HETATM 508 C  C2    . X8V C 2 .  ? -5.577  -1.335  -5.573  1.00 18.77 ? 101 X8V A C2    1 
HETATM 509 C  C1    . X8V C 2 .  ? -4.571  -1.912  -4.882  1.00 16.61 ? 101 X8V A C1    1 
HETATM 510 C  C11   . X8V C 2 .  ? -2.379  -7.190  -5.341  1.00 24.77 ? 101 X8V A C11   1 
HETATM 511 N  N2    . X8V C 2 .  ? -2.267  -7.962  -4.219  1.00 25.70 ? 101 X8V A N2    1 
HETATM 512 C  C9    . X8V C 2 .  ? -3.598  -5.235  -6.334  1.00 19.93 ? 101 X8V A C9    1 
HETATM 513 MG MG    . MG  D 3 .  ? -9.118  -9.070  5.228   1.00 10.99 ? 102 MG  A MG    1 
HETATM 514 O  O     . HOH E 4 .  ? 5.098   -3.717  -5.759  1.00 26.19 ? 201 HOH A O     1 
HETATM 515 O  O     . HOH E 4 .  ? 0.833   -13.102 13.790  1.00 33.16 ? 202 HOH A O     1 
HETATM 516 O  O     . HOH E 4 .  ? 0.339   -6.999  -3.116  1.00 20.72 ? 203 HOH A O     1 
HETATM 517 O  O     . HOH E 4 .  ? -5.698  -9.144  10.564  1.00 18.74 ? 204 HOH A O     1 
HETATM 518 O  O     . HOH E 4 .  ? 0.305   -6.233  6.335   1.00 32.66 ? 205 HOH A O     1 
HETATM 519 O  O     . HOH E 4 .  ? -8.186  10.133  -4.831  1.00 30.97 ? 206 HOH A O     1 
HETATM 520 O  O     . HOH E 4 .  ? -8.478  -10.812 4.112   1.00 12.10 ? 207 HOH A O     1 
HETATM 521 O  O     . HOH E 4 .  ? 4.070   -8.809  -8.049  1.00 24.59 ? 208 HOH A O     1 
HETATM 522 O  O     . HOH E 4 .  ? 5.135   3.336   -4.712  1.00 19.27 ? 209 HOH A O     1 
HETATM 523 O  O     . HOH E 4 .  ? -0.191  3.785   -9.360  1.00 20.71 ? 210 HOH A O     1 
HETATM 524 O  O     . HOH E 4 .  ? 5.399   0.096   -1.734  1.00 14.93 ? 211 HOH A O     1 
HETATM 525 O  O     . HOH E 4 .  ? 1.280   12.126  1.825   1.00 13.78 ? 212 HOH A O     1 
HETATM 526 O  O     . HOH E 4 .  ? 2.089   19.851  0.548   1.00 26.55 ? 213 HOH A O     1 
HETATM 527 O  O     . HOH E 4 .  ? -7.764  -9.564  6.791   1.00 13.20 ? 214 HOH A O     1 
HETATM 528 O  O     . HOH E 4 .  ? -0.580  11.242  -6.474  1.00 25.77 ? 215 HOH A O     1 
HETATM 529 O  O     . HOH E 4 .  ? 3.946   -4.049  -9.636  1.00 11.73 ? 216 HOH A O     1 
HETATM 530 O  O     . HOH E 4 .  ? -1.910  -5.557  6.076   1.00 25.17 ? 217 HOH A O     1 
HETATM 531 O  O     . HOH E 4 .  ? -2.690  -11.409 15.442  1.00 31.60 ? 218 HOH A O     1 
HETATM 532 O  O     . HOH E 4 .  ? 4.903   -2.581  -0.608  1.00 22.48 ? 219 HOH A O     1 
HETATM 533 O  O     . HOH E 4 .  ? 5.929   -5.999  -9.022  1.00 13.16 ? 220 HOH A O     1 
HETATM 534 O  O     . HOH E 4 .  ? 1.600   -10.734 -0.844  1.00 16.34 ? 221 HOH A O     1 
HETATM 535 O  O     . HOH E 4 .  ? 2.192   9.800   -7.200  1.00 21.03 ? 222 HOH A O     1 
HETATM 536 O  O     . HOH E 4 .  ? 6.736   -5.833  1.409   1.00 24.63 ? 223 HOH A O     1 
HETATM 537 O  O     . HOH E 4 .  ? 0.698   -5.378  -12.219 1.00 12.49 ? 224 HOH A O     1 
HETATM 538 O  O     . HOH E 4 .  ? 2.392   -0.356  -8.351  1.00 10.53 ? 225 HOH A O     1 
HETATM 539 O  O     . HOH E 4 .  ? -1.006  7.991   1.905   1.00 18.43 ? 226 HOH A O     1 
HETATM 540 O  O     . HOH E 4 .  ? 10.116  -6.780  -0.029  1.00 26.90 ? 227 HOH A O     1 
HETATM 541 O  O     . HOH E 4 .  ? -4.200  -6.511  7.399   1.00 25.70 ? 228 HOH A O     1 
HETATM 542 O  O     . HOH E 4 .  ? -3.803  13.515  -4.340  1.00 35.00 ? 229 HOH A O     1 
HETATM 543 O  O     . HOH E 4 .  ? 0.142   16.414  -4.028  1.00 26.87 ? 230 HOH A O     1 
HETATM 544 O  O     . HOH E 4 .  ? 3.802   19.972  4.705   1.00 27.23 ? 231 HOH A O     1 
HETATM 545 O  O     . HOH E 4 .  ? 2.275   7.071   -7.027  1.00 13.28 ? 232 HOH A O     1 
HETATM 546 O  O     . HOH E 4 .  ? 3.341   -13.826 12.107  1.00 28.61 ? 233 HOH A O     1 
HETATM 547 O  O     . HOH E 4 .  ? -10.292 -12.426 2.936   1.00 20.28 ? 234 HOH A O     1 
HETATM 548 O  O     . HOH E 4 .  ? -7.487  12.276  -4.757  1.00 34.82 ? 235 HOH A O     1 
HETATM 549 O  O     . HOH E 4 .  ? 4.480   -2.030  1.735   1.00 25.84 ? 236 HOH A O     1 
HETATM 550 O  O     . HOH E 4 .  ? 1.139   -9.466  -3.335  1.00 27.22 ? 237 HOH A O     1 
HETATM 551 O  O     . HOH E 4 .  ? -10.864 -16.332 6.306   1.00 21.76 ? 238 HOH A O     1 
HETATM 552 O  O     . HOH E 4 .  ? -5.256  -2.221  -9.032  1.00 30.52 ? 239 HOH A O     1 
HETATM 553 O  O     . HOH E 4 .  ? 3.363   -7.006  -9.822  1.00 15.71 ? 240 HOH A O     1 
HETATM 554 O  O     . HOH E 4 .  ? 5.305   -2.297  -7.946  1.00 20.21 ? 241 HOH A O     1 
HETATM 555 O  O     . HOH E 4 .  ? 2.772   12.687  10.166  1.00 10.29 ? 242 HOH A O     1 
HETATM 556 O  O     . HOH E 4 .  ? -0.218  6.407   -8.143  1.00 17.52 ? 243 HOH A O     1 
HETATM 557 O  O     . HOH E 4 .  ? 4.854   0.097   -8.272  1.00 23.47 ? 244 HOH A O     1 
HETATM 558 O  O     . HOH E 4 .  ? 1.142   -7.817  -11.012 1.00 19.82 ? 245 HOH A O     1 
HETATM 559 O  O     . HOH E 4 .  ? -6.430  -4.934  6.970   1.00 26.21 ? 246 HOH A O     1 
HETATM 560 O  O     . HOH E 4 .  ? 7.002   -0.262  -4.126  1.00 27.02 ? 247 HOH A O     1 
HETATM 561 O  O     . HOH E 4 .  ? 6.045   1.913   -6.646  1.00 22.56 ? 248 HOH A O     1 
HETATM 562 O  O     . HOH F 4 .  ? 16.034  10.983  -3.634  1.00 15.78 ? 101 HOH B O     1 
HETATM 563 O  O     . HOH F 4 .  ? -8.530  -17.261 1.068   1.00 26.40 ? 102 HOH B O     1 
HETATM 564 O  O     . HOH F 4 .  ? 2.200   -23.051 1.418   1.00 21.95 ? 103 HOH B O     1 
HETATM 565 O  O     . HOH F 4 .  ? -5.434  -21.864 -3.657  1.00 20.18 ? 104 HOH B O     1 
HETATM 566 O  O     . HOH F 4 .  ? 6.176   2.701   2.074   1.00 21.91 ? 105 HOH B O     1 
HETATM 567 O  O     . HOH F 4 .  ? -7.639  -8.030  4.147   1.00 13.97 ? 106 HOH B O     1 
HETATM 568 O  O     . HOH F 4 .  ? 3.138   1.525   4.846   1.00 21.87 ? 107 HOH B O     1 
HETATM 569 O  O     . HOH F 4 .  ? -7.994  -17.012 -2.152  1.00 22.24 ? 108 HOH B O     1 
HETATM 570 O  O     . HOH F 4 .  ? 1.492   -1.197  4.831   1.00 22.33 ? 109 HOH B O     1 
HETATM 571 O  O     . HOH F 4 .  ? 4.946   12.051  -7.812  1.00 29.23 ? 110 HOH B O     1 
HETATM 572 O  O     . HOH F 4 .  ? -2.565  -3.127  5.904   1.00 26.30 ? 111 HOH B O     1 
HETATM 573 O  O     . HOH F 4 .  ? 10.470  6.505   -4.409  1.00 25.39 ? 112 HOH B O     1 
HETATM 574 O  O     . HOH F 4 .  ? -6.200  -18.744 -0.942  1.00 17.89 ? 113 HOH B O     1 
HETATM 575 O  O     . HOH F 4 .  ? -4.139  5.336   8.925   1.00 33.22 ? 114 HOH B O     1 
HETATM 576 O  O     . HOH F 4 .  ? 4.593   2.978   6.767   1.00 24.66 ? 115 HOH B O     1 
HETATM 577 O  O     . HOH F 4 .  ? 2.985   13.374  -6.641  1.00 23.33 ? 116 HOH B O     1 
HETATM 578 O  O     . HOH F 4 .  ? -9.329  -8.331  1.140   1.00 17.80 ? 117 HOH B O     1 
HETATM 579 O  O     . HOH F 4 .  ? 6.038   5.617   -4.450  1.00 22.54 ? 118 HOH B O     1 
HETATM 580 O  O     . HOH F 4 .  ? -9.765  -9.685  -2.725  1.00 26.90 ? 119 HOH B O     1 
HETATM 581 O  O     . HOH F 4 .  ? -2.174  -12.002 -2.271  1.00 19.13 ? 120 HOH B O     1 
HETATM 582 O  O     . HOH F 4 .  ? -6.801  -5.461  4.420   1.00 13.93 ? 121 HOH B O     1 
HETATM 583 O  O     . HOH F 4 .  ? 4.394   0.630   2.682   1.00 20.67 ? 122 HOH B O     1 
HETATM 584 O  O     . HOH F 4 .  ? -9.490  -13.075 0.100   1.00 20.23 ? 123 HOH B O     1 
HETATM 585 O  O     . HOH F 4 .  ? 6.421   2.319   -0.472  1.00 23.91 ? 124 HOH B O     1 
HETATM 586 O  O     . HOH F 4 .  ? -0.114  3.320   7.505   1.00 27.17 ? 125 HOH B O     1 
HETATM 587 O  O     . HOH F 4 .  ? -5.497  1.225   5.895   1.00 22.52 ? 126 HOH B O     1 
HETATM 588 O  O     . HOH F 4 .  ? -7.525  -16.387 -10.028 1.00 28.26 ? 127 HOH B O     1 
HETATM 589 O  O     . HOH F 4 .  ? -8.959  10.108  5.644   1.00 27.90 ? 128 HOH B O     1 
HETATM 590 O  O     . HOH F 4 .  ? 18.713  10.400  -4.108  1.00 15.23 ? 129 HOH B O     1 
HETATM 591 O  O     . HOH F 4 .  ? -10.118 -12.336 -2.320  1.00 33.72 ? 130 HOH B O     1 
HETATM 592 O  O     . HOH F 4 .  ? 8.829   7.877   11.809  1.00 30.75 ? 131 HOH B O     1 
HETATM 593 O  O     . HOH F 4 .  ? -8.795  -4.148  2.979   1.00 25.04 ? 132 HOH B O     1 
# 
loop_
_pdbx_poly_seq_scheme.asym_id 
_pdbx_poly_seq_scheme.entity_id 
_pdbx_poly_seq_scheme.seq_id 
_pdbx_poly_seq_scheme.mon_id 
_pdbx_poly_seq_scheme.ndb_seq_num 
_pdbx_poly_seq_scheme.pdb_seq_num 
_pdbx_poly_seq_scheme.auth_seq_num 
_pdbx_poly_seq_scheme.pdb_mon_id 
_pdbx_poly_seq_scheme.auth_mon_id 
_pdbx_poly_seq_scheme.pdb_strand_id 
_pdbx_poly_seq_scheme.pdb_ins_code 
_pdbx_poly_seq_scheme.hetero 
A 1 1  DC 1  1  1  DC DC A . n 
A 1 2  DG 2  2  2  DG DG A . n 
A 1 3  DC 3  3  3  DC DC A . n 
A 1 4  DG 4  4  4  DG DG A . n 
A 1 5  DA 5  5  5  DA DA A . n 
A 1 6  DA 6  6  6  DA DA A . n 
A 1 7  DT 7  7  7  DT DT A . n 
A 1 8  DT 8  8  8  DT DT A . n 
A 1 9  DC 9  9  9  DC DC A . n 
A 1 10 DG 10 10 10 DG DG A . n 
A 1 11 DC 11 11 11 DC DC A . n 
A 1 12 DG 12 12 12 DG DG A . n 
B 1 1  DC 1  13 13 DC DC B . n 
B 1 2  DG 2  14 14 DG DG B . n 
B 1 3  DC 3  15 15 DC DC B . n 
B 1 4  DG 4  16 16 DG DG B . n 
B 1 5  DA 5  17 17 DA DA B . n 
B 1 6  DA 6  18 18 DA DA B . n 
B 1 7  DT 7  19 19 DT DT B . n 
B 1 8  DT 8  20 20 DT DT B . n 
B 1 9  DC 9  21 21 DC DC B . n 
B 1 10 DG 10 22 22 DG DG B . n 
B 1 11 DC 11 23 23 DC DC B . n 
B 1 12 DG 12 24 24 DG DG B . n 
# 
loop_
_pdbx_nonpoly_scheme.asym_id 
_pdbx_nonpoly_scheme.entity_id 
_pdbx_nonpoly_scheme.mon_id 
_pdbx_nonpoly_scheme.ndb_seq_num 
_pdbx_nonpoly_scheme.pdb_seq_num 
_pdbx_nonpoly_scheme.auth_seq_num 
_pdbx_nonpoly_scheme.pdb_mon_id 
_pdbx_nonpoly_scheme.auth_mon_id 
_pdbx_nonpoly_scheme.pdb_strand_id 
_pdbx_nonpoly_scheme.pdb_ins_code 
C 2 X8V 1  101 101 X8V LIG A . 
D 3 MG  1  102 1   MG  MG  A . 
E 4 HOH 1  201 53  HOH HOH A . 
E 4 HOH 2  202 81  HOH HOH A . 
E 4 HOH 3  203 77  HOH HOH A . 
E 4 HOH 4  204 36  HOH HOH A . 
E 4 HOH 5  205 75  HOH HOH A . 
E 4 HOH 6  206 70  HOH HOH A . 
E 4 HOH 7  207 1   HOH HOH A . 
E 4 HOH 8  208 80  HOH HOH A . 
E 4 HOH 9  209 15  HOH HOH A . 
E 4 HOH 10 210 44  HOH HOH A . 
E 4 HOH 11 211 16  HOH HOH A . 
E 4 HOH 12 212 12  HOH HOH A . 
E 4 HOH 13 213 71  HOH HOH A . 
E 4 HOH 14 214 2   HOH HOH A . 
E 4 HOH 15 215 73  HOH HOH A . 
E 4 HOH 16 216 6   HOH HOH A . 
E 4 HOH 17 217 79  HOH HOH A . 
E 4 HOH 18 218 59  HOH HOH A . 
E 4 HOH 19 219 33  HOH HOH A . 
E 4 HOH 20 220 4   HOH HOH A . 
E 4 HOH 21 221 26  HOH HOH A . 
E 4 HOH 22 222 24  HOH HOH A . 
E 4 HOH 23 223 57  HOH HOH A . 
E 4 HOH 24 224 35  HOH HOH A . 
E 4 HOH 25 225 17  HOH HOH A . 
E 4 HOH 26 226 28  HOH HOH A . 
E 4 HOH 27 227 65  HOH HOH A . 
E 4 HOH 28 228 9   HOH HOH A . 
E 4 HOH 29 229 82  HOH HOH A . 
E 4 HOH 30 230 13  HOH HOH A . 
E 4 HOH 31 231 48  HOH HOH A . 
E 4 HOH 32 232 14  HOH HOH A . 
E 4 HOH 33 233 60  HOH HOH A . 
E 4 HOH 34 234 41  HOH HOH A . 
E 4 HOH 35 235 83  HOH HOH A . 
E 4 HOH 36 236 43  HOH HOH A . 
E 4 HOH 37 237 74  HOH HOH A . 
E 4 HOH 38 238 51  HOH HOH A . 
E 4 HOH 39 239 85  HOH HOH A . 
E 4 HOH 40 240 3   HOH HOH A . 
E 4 HOH 41 241 18  HOH HOH A . 
E 4 HOH 42 242 25  HOH HOH A . 
E 4 HOH 43 243 21  HOH HOH A . 
E 4 HOH 44 244 52  HOH HOH A . 
E 4 HOH 45 245 64  HOH HOH A . 
E 4 HOH 46 246 76  HOH HOH A . 
E 4 HOH 47 247 37  HOH HOH A . 
E 4 HOH 48 248 50  HOH HOH A . 
F 4 HOH 1  101 19  HOH HOH B . 
F 4 HOH 2  102 67  HOH HOH B . 
F 4 HOH 3  103 29  HOH HOH B . 
F 4 HOH 4  104 30  HOH HOH B . 
F 4 HOH 5  105 31  HOH HOH B . 
F 4 HOH 6  106 5   HOH HOH B . 
F 4 HOH 7  107 32  HOH HOH B . 
F 4 HOH 8  108 56  HOH HOH B . 
F 4 HOH 9  109 10  HOH HOH B . 
F 4 HOH 10 110 47  HOH HOH B . 
F 4 HOH 11 111 38  HOH HOH B . 
F 4 HOH 12 112 61  HOH HOH B . 
F 4 HOH 13 113 42  HOH HOH B . 
F 4 HOH 14 114 68  HOH HOH B . 
F 4 HOH 15 115 63  HOH HOH B . 
F 4 HOH 16 116 46  HOH HOH B . 
F 4 HOH 17 117 7   HOH HOH B . 
F 4 HOH 18 118 49  HOH HOH B . 
F 4 HOH 19 119 39  HOH HOH B . 
F 4 HOH 20 120 27  HOH HOH B . 
F 4 HOH 21 121 8   HOH HOH B . 
F 4 HOH 22 122 23  HOH HOH B . 
F 4 HOH 23 123 40  HOH HOH B . 
F 4 HOH 24 124 22  HOH HOH B . 
F 4 HOH 25 125 78  HOH HOH B . 
F 4 HOH 26 126 11  HOH HOH B . 
F 4 HOH 27 127 72  HOH HOH B . 
F 4 HOH 28 128 62  HOH HOH B . 
F 4 HOH 29 129 20  HOH HOH B . 
F 4 HOH 30 130 84  HOH HOH B . 
F 4 HOH 31 131 55  HOH HOH B . 
F 4 HOH 32 132 54  HOH HOH B . 
# 
_pdbx_struct_assembly.id                   1 
_pdbx_struct_assembly.details              author_and_software_defined_assembly 
_pdbx_struct_assembly.method_details       PISA 
_pdbx_struct_assembly.oligomeric_details   dimeric 
_pdbx_struct_assembly.oligomeric_count     2 
# 
_pdbx_struct_assembly_gen.assembly_id       1 
_pdbx_struct_assembly_gen.oper_expression   1 
_pdbx_struct_assembly_gen.asym_id_list      A,B,C,D,E,F 
# 
loop_
_pdbx_struct_assembly_prop.biol_id 
_pdbx_struct_assembly_prop.type 
_pdbx_struct_assembly_prop.value 
_pdbx_struct_assembly_prop.details 
1 'ABSA (A^2)' 1440 ? 
1 MORE         -5   ? 
1 'SSA (A^2)'  4400 ? 
# 
_pdbx_struct_oper_list.id                   1 
_pdbx_struct_oper_list.type                 'identity operation' 
_pdbx_struct_oper_list.name                 1_555 
_pdbx_struct_oper_list.symmetry_operation   x,y,z 
_pdbx_struct_oper_list.matrix[1][1]         1.0000000000 
_pdbx_struct_oper_list.matrix[1][2]         0.0000000000 
_pdbx_struct_oper_list.matrix[1][3]         0.0000000000 
_pdbx_struct_oper_list.vector[1]            0.0000000000 
_pdbx_struct_oper_list.matrix[2][1]         0.0000000000 
_pdbx_struct_oper_list.matrix[2][2]         1.0000000000 
_pdbx_struct_oper_list.matrix[2][3]         0.0000000000 
_pdbx_struct_oper_list.vector[2]            0.0000000000 
_pdbx_struct_oper_list.matrix[3][1]         0.0000000000 
_pdbx_struct_oper_list.matrix[3][2]         0.0000000000 
_pdbx_struct_oper_list.matrix[3][3]         1.0000000000 
_pdbx_struct_oper_list.vector[3]            0.0000000000 
# 
loop_
_pdbx_struct_conn_angle.id 
_pdbx_struct_conn_angle.ptnr1_label_atom_id 
_pdbx_struct_conn_angle.ptnr1_label_alt_id 
_pdbx_struct_conn_angle.ptnr1_label_asym_id 
_pdbx_struct_conn_angle.ptnr1_label_comp_id 
_pdbx_struct_conn_angle.ptnr1_label_seq_id 
_pdbx_struct_conn_angle.ptnr1_auth_atom_id 
_pdbx_struct_conn_angle.ptnr1_auth_asym_id 
_pdbx_struct_conn_angle.ptnr1_auth_comp_id 
_pdbx_struct_conn_angle.ptnr1_auth_seq_id 
_pdbx_struct_conn_angle.ptnr1_PDB_ins_code 
_pdbx_struct_conn_angle.ptnr1_symmetry 
_pdbx_struct_conn_angle.ptnr2_label_atom_id 
_pdbx_struct_conn_angle.ptnr2_label_alt_id 
_pdbx_struct_conn_angle.ptnr2_label_asym_id 
_pdbx_struct_conn_angle.ptnr2_label_comp_id 
_pdbx_struct_conn_angle.ptnr2_label_seq_id 
_pdbx_struct_conn_angle.ptnr2_auth_atom_id 
_pdbx_struct_conn_angle.ptnr2_auth_asym_id 
_pdbx_struct_conn_angle.ptnr2_auth_comp_id 
_pdbx_struct_conn_angle.ptnr2_auth_seq_id 
_pdbx_struct_conn_angle.ptnr2_PDB_ins_code 
_pdbx_struct_conn_angle.ptnr2_symmetry 
_pdbx_struct_conn_angle.ptnr3_label_atom_id 
_pdbx_struct_conn_angle.ptnr3_label_alt_id 
_pdbx_struct_conn_angle.ptnr3_label_asym_id 
_pdbx_struct_conn_angle.ptnr3_label_comp_id 
_pdbx_struct_conn_angle.ptnr3_label_seq_id 
_pdbx_struct_conn_angle.ptnr3_auth_atom_id 
_pdbx_struct_conn_angle.ptnr3_auth_asym_id 
_pdbx_struct_conn_angle.ptnr3_auth_comp_id 
_pdbx_struct_conn_angle.ptnr3_auth_seq_id 
_pdbx_struct_conn_angle.ptnr3_PDB_ins_code 
_pdbx_struct_conn_angle.ptnr3_symmetry 
_pdbx_struct_conn_angle.value 
_pdbx_struct_conn_angle.value_esd 
1  O ? E HOH . ? A HOH 207 ? 1_555 MG ? D MG . ? A MG 102 ? 1_555 O ? E HOH . ? A HOH 214 ? 1_555 90.2  ? 
2  O ? E HOH . ? A HOH 207 ? 1_555 MG ? D MG . ? A MG 102 ? 1_555 O ? E HOH . ? A HOH 216 ? 3_655 91.9  ? 
3  O ? E HOH . ? A HOH 214 ? 1_555 MG ? D MG . ? A MG 102 ? 1_555 O ? E HOH . ? A HOH 216 ? 3_655 89.1  ? 
4  O ? E HOH . ? A HOH 207 ? 1_555 MG ? D MG . ? A MG 102 ? 1_555 O ? E HOH . ? A HOH 220 ? 3_655 88.6  ? 
5  O ? E HOH . ? A HOH 214 ? 1_555 MG ? D MG . ? A MG 102 ? 1_555 O ? E HOH . ? A HOH 220 ? 3_655 176.7 ? 
6  O ? E HOH . ? A HOH 216 ? 3_655 MG ? D MG . ? A MG 102 ? 1_555 O ? E HOH . ? A HOH 220 ? 3_655 87.8  ? 
7  O ? E HOH . ? A HOH 207 ? 1_555 MG ? D MG . ? A MG 102 ? 1_555 O ? E HOH . ? A HOH 240 ? 3_655 173.8 ? 
8  O ? E HOH . ? A HOH 214 ? 1_555 MG ? D MG . ? A MG 102 ? 1_555 O ? E HOH . ? A HOH 240 ? 3_655 93.7  ? 
9  O ? E HOH . ? A HOH 216 ? 3_655 MG ? D MG . ? A MG 102 ? 1_555 O ? E HOH . ? A HOH 240 ? 3_655 93.1  ? 
10 O ? E HOH . ? A HOH 220 ? 3_655 MG ? D MG . ? A MG 102 ? 1_555 O ? E HOH . ? A HOH 240 ? 3_655 87.8  ? 
11 O ? E HOH . ? A HOH 207 ? 1_555 MG ? D MG . ? A MG 102 ? 1_555 O ? F HOH . ? B HOH 106 ? 1_555 85.7  ? 
12 O ? E HOH . ? A HOH 214 ? 1_555 MG ? D MG . ? A MG 102 ? 1_555 O ? F HOH . ? B HOH 106 ? 1_555 92.6  ? 
13 O ? E HOH . ? A HOH 216 ? 3_655 MG ? D MG . ? A MG 102 ? 1_555 O ? F HOH . ? B HOH 106 ? 1_555 177.1 ? 
14 O ? E HOH . ? A HOH 220 ? 3_655 MG ? D MG . ? A MG 102 ? 1_555 O ? F HOH . ? B HOH 106 ? 1_555 90.4  ? 
15 O ? E HOH . ? A HOH 240 ? 3_655 MG ? D MG . ? A MG 102 ? 1_555 O ? F HOH . ? B HOH 106 ? 1_555 89.2  ? 
# 
loop_
_pdbx_audit_revision_history.ordinal 
_pdbx_audit_revision_history.data_content_type 
_pdbx_audit_revision_history.major_revision 
_pdbx_audit_revision_history.minor_revision 
_pdbx_audit_revision_history.revision_date 
1 'Structure model' 1 0 2021-12-08 
2 'Structure model' 1 1 2022-06-15 
3 'Structure model' 2 0 2022-06-29 
4 'Structure model' 2 1 2023-10-18 
# 
_pdbx_audit_revision_details.ordinal             1 
_pdbx_audit_revision_details.revision_ordinal    1 
_pdbx_audit_revision_details.data_content_type   'Structure model' 
_pdbx_audit_revision_details.provider            repository 
_pdbx_audit_revision_details.type                'Initial release' 
_pdbx_audit_revision_details.description         ? 
_pdbx_audit_revision_details.details             ? 
# 
loop_
_pdbx_audit_revision_group.ordinal 
_pdbx_audit_revision_group.revision_ordinal 
_pdbx_audit_revision_group.data_content_type 
_pdbx_audit_revision_group.group 
1  2 'Structure model' 'Database references'    
2  3 'Structure model' Advisory                 
3  3 'Structure model' 'Atomic model'           
4  3 'Structure model' 'Database references'    
5  3 'Structure model' 'Derived calculations'   
6  3 'Structure model' 'Polymer sequence'       
7  3 'Structure model' 'Source and taxonomy'    
8  3 'Structure model' 'Structure summary'      
9  4 'Structure model' 'Data collection'        
10 4 'Structure model' 'Refinement description' 
# 
loop_
_pdbx_audit_revision_category.ordinal 
_pdbx_audit_revision_category.revision_ordinal 
_pdbx_audit_revision_category.data_content_type 
_pdbx_audit_revision_category.category 
1  2 'Structure model' citation                        
2  2 'Structure model' citation_author                 
3  3 'Structure model' atom_site                       
4  3 'Structure model' database_PDB_caveat             
5  3 'Structure model' entity                          
6  3 'Structure model' entity_poly                     
7  3 'Structure model' entity_poly_seq                 
8  3 'Structure model' ndb_struct_na_base_pair         
9  3 'Structure model' ndb_struct_na_base_pair_step    
10 3 'Structure model' pdbx_entity_src_syn             
11 3 'Structure model' pdbx_poly_seq_scheme            
12 3 'Structure model' pdbx_unobs_or_zero_occ_residues 
13 3 'Structure model' struct_conn                     
14 3 'Structure model' struct_ref_seq                  
15 4 'Structure model' chem_comp_atom                  
16 4 'Structure model' chem_comp_bond                  
17 4 'Structure model' pdbx_initial_refinement_model   
# 
loop_
_pdbx_audit_revision_item.ordinal 
_pdbx_audit_revision_item.revision_ordinal 
_pdbx_audit_revision_item.data_content_type 
_pdbx_audit_revision_item.item 
1  2 'Structure model' '_citation.country'                              
2  2 'Structure model' '_citation.journal_abbrev'                       
3  2 'Structure model' '_citation.journal_id_ASTM'                      
4  2 'Structure model' '_citation.journal_id_CSD'                       
5  2 'Structure model' '_citation.journal_id_ISSN'                      
6  2 'Structure model' '_citation.journal_volume'                       
7  2 'Structure model' '_citation.page_first'                           
8  2 'Structure model' '_citation.page_last'                            
9  2 'Structure model' '_citation.pdbx_database_id_DOI'                 
10 2 'Structure model' '_citation.pdbx_database_id_PubMed'              
11 2 'Structure model' '_citation.title'                                
12 2 'Structure model' '_citation.year'                                 
13 3 'Structure model' '_atom_site.label_seq_id'                        
14 3 'Structure model' '_entity.formula_weight'                         
15 3 'Structure model' '_entity_poly.pdbx_seq_one_letter_code'          
16 3 'Structure model' '_entity_poly.pdbx_seq_one_letter_code_can'      
17 3 'Structure model' '_ndb_struct_na_base_pair.i_label_seq_id'        
18 3 'Structure model' '_ndb_struct_na_base_pair.j_label_seq_id'        
19 3 'Structure model' '_ndb_struct_na_base_pair_step.i_label_seq_id_1' 
20 3 'Structure model' '_ndb_struct_na_base_pair_step.i_label_seq_id_2' 
21 3 'Structure model' '_ndb_struct_na_base_pair_step.j_label_seq_id_1' 
22 3 'Structure model' '_ndb_struct_na_base_pair_step.j_label_seq_id_2' 
23 3 'Structure model' '_pdbx_entity_src_syn.pdbx_end_seq_num'          
24 3 'Structure model' '_struct_conn.ptnr1_label_seq_id'                
25 3 'Structure model' '_struct_conn.ptnr2_label_seq_id'                
26 3 'Structure model' '_struct_ref_seq.seq_align_end'                  
# 
loop_
_software.citation_id 
_software.classification 
_software.compiler_name 
_software.compiler_version 
_software.contact_author 
_software.contact_author_email 
_software.date 
_software.description 
_software.dependencies 
_software.hardware 
_software.language 
_software.location 
_software.mods 
_software.name 
_software.os 
_software.os_version 
_software.type 
_software.version 
_software.pdbx_ordinal 
? refinement        ? ? ? ? ? ? ? ? ? ? ? REFMAC      ? ? ? 5.8.0267 1 
? 'data scaling'    ? ? ? ? ? ? ? ? ? ? ? HKL-2000    ? ? ? v721     2 
? 'data extraction' ? ? ? ? ? ? ? ? ? ? ? PDB_EXTRACT ? ? ? 3.27     3 
? 'data reduction'  ? ? ? ? ? ? ? ? ? ? ? HKL-2000    ? ? ? v721     4 
? phasing           ? ? ? ? ? ? ? ? ? ? ? PHASER      ? ? ? .        5 
# 
_pdbx_entry_details.entry_id                 7KWK 
_pdbx_entry_details.has_ligand_of_interest   Y 
_pdbx_entry_details.compound_details         ? 
_pdbx_entry_details.source_details           ? 
_pdbx_entry_details.nonpolymer_details       ? 
_pdbx_entry_details.sequence_details         ? 
# 
_pdbx_validate_close_contact.id               1 
_pdbx_validate_close_contact.PDB_model_num    1 
_pdbx_validate_close_contact.auth_atom_id_1   OP2 
_pdbx_validate_close_contact.auth_asym_id_1   A 
_pdbx_validate_close_contact.auth_comp_id_1   DA 
_pdbx_validate_close_contact.auth_seq_id_1    6 
_pdbx_validate_close_contact.PDB_ins_code_1   ? 
_pdbx_validate_close_contact.label_alt_id_1   ? 
_pdbx_validate_close_contact.auth_atom_id_2   O 
_pdbx_validate_close_contact.auth_asym_id_2   A 
_pdbx_validate_close_contact.auth_comp_id_2   HOH 
_pdbx_validate_close_contact.auth_seq_id_2    201 
_pdbx_validate_close_contact.PDB_ins_code_2   ? 
_pdbx_validate_close_contact.label_alt_id_2   ? 
_pdbx_validate_close_contact.dist             1.97 
# 
loop_
_pdbx_validate_planes.id 
_pdbx_validate_planes.PDB_model_num 
_pdbx_validate_planes.auth_comp_id 
_pdbx_validate_planes.auth_asym_id 
_pdbx_validate_planes.auth_seq_id 
_pdbx_validate_planes.PDB_ins_code 
_pdbx_validate_planes.label_alt_id 
_pdbx_validate_planes.rmsd 
_pdbx_validate_planes.type 
1 1 DC A 9  ? ? 0.063 'SIDE CHAIN' 
2 1 DC B 15 ? ? 0.060 'SIDE CHAIN' 
3 1 DC B 23 ? ? 0.073 'SIDE CHAIN' 
# 
loop_
_chem_comp_atom.comp_id 
_chem_comp_atom.atom_id 
_chem_comp_atom.type_symbol 
_chem_comp_atom.pdbx_aromatic_flag 
_chem_comp_atom.pdbx_stereo_config 
_chem_comp_atom.pdbx_ordinal 
DA  OP3    O  N N 1   
DA  P      P  N N 2   
DA  OP1    O  N N 3   
DA  OP2    O  N N 4   
DA  "O5'"  O  N N 5   
DA  "C5'"  C  N N 6   
DA  "C4'"  C  N R 7   
DA  "O4'"  O  N N 8   
DA  "C3'"  C  N S 9   
DA  "O3'"  O  N N 10  
DA  "C2'"  C  N N 11  
DA  "C1'"  C  N R 12  
DA  N9     N  Y N 13  
DA  C8     C  Y N 14  
DA  N7     N  Y N 15  
DA  C5     C  Y N 16  
DA  C6     C  Y N 17  
DA  N6     N  N N 18  
DA  N1     N  Y N 19  
DA  C2     C  Y N 20  
DA  N3     N  Y N 21  
DA  C4     C  Y N 22  
DA  HOP3   H  N N 23  
DA  HOP2   H  N N 24  
DA  "H5'"  H  N N 25  
DA  "H5''" H  N N 26  
DA  "H4'"  H  N N 27  
DA  "H3'"  H  N N 28  
DA  "HO3'" H  N N 29  
DA  "H2'"  H  N N 30  
DA  "H2''" H  N N 31  
DA  "H1'"  H  N N 32  
DA  H8     H  N N 33  
DA  H61    H  N N 34  
DA  H62    H  N N 35  
DA  H2     H  N N 36  
DC  OP3    O  N N 37  
DC  P      P  N N 38  
DC  OP1    O  N N 39  
DC  OP2    O  N N 40  
DC  "O5'"  O  N N 41  
DC  "C5'"  C  N N 42  
DC  "C4'"  C  N R 43  
DC  "O4'"  O  N N 44  
DC  "C3'"  C  N S 45  
DC  "O3'"  O  N N 46  
DC  "C2'"  C  N N 47  
DC  "C1'"  C  N R 48  
DC  N1     N  N N 49  
DC  C2     C  N N 50  
DC  O2     O  N N 51  
DC  N3     N  N N 52  
DC  C4     C  N N 53  
DC  N4     N  N N 54  
DC  C5     C  N N 55  
DC  C6     C  N N 56  
DC  HOP3   H  N N 57  
DC  HOP2   H  N N 58  
DC  "H5'"  H  N N 59  
DC  "H5''" H  N N 60  
DC  "H4'"  H  N N 61  
DC  "H3'"  H  N N 62  
DC  "HO3'" H  N N 63  
DC  "H2'"  H  N N 64  
DC  "H2''" H  N N 65  
DC  "H1'"  H  N N 66  
DC  H41    H  N N 67  
DC  H42    H  N N 68  
DC  H5     H  N N 69  
DC  H6     H  N N 70  
DG  OP3    O  N N 71  
DG  P      P  N N 72  
DG  OP1    O  N N 73  
DG  OP2    O  N N 74  
DG  "O5'"  O  N N 75  
DG  "C5'"  C  N N 76  
DG  "C4'"  C  N R 77  
DG  "O4'"  O  N N 78  
DG  "C3'"  C  N S 79  
DG  "O3'"  O  N N 80  
DG  "C2'"  C  N N 81  
DG  "C1'"  C  N R 82  
DG  N9     N  Y N 83  
DG  C8     C  Y N 84  
DG  N7     N  Y N 85  
DG  C5     C  Y N 86  
DG  C6     C  N N 87  
DG  O6     O  N N 88  
DG  N1     N  N N 89  
DG  C2     C  N N 90  
DG  N2     N  N N 91  
DG  N3     N  N N 92  
DG  C4     C  Y N 93  
DG  HOP3   H  N N 94  
DG  HOP2   H  N N 95  
DG  "H5'"  H  N N 96  
DG  "H5''" H  N N 97  
DG  "H4'"  H  N N 98  
DG  "H3'"  H  N N 99  
DG  "HO3'" H  N N 100 
DG  "H2'"  H  N N 101 
DG  "H2''" H  N N 102 
DG  "H1'"  H  N N 103 
DG  H8     H  N N 104 
DG  H1     H  N N 105 
DG  H21    H  N N 106 
DG  H22    H  N N 107 
DT  OP3    O  N N 108 
DT  P      P  N N 109 
DT  OP1    O  N N 110 
DT  OP2    O  N N 111 
DT  "O5'"  O  N N 112 
DT  "C5'"  C  N N 113 
DT  "C4'"  C  N R 114 
DT  "O4'"  O  N N 115 
DT  "C3'"  C  N S 116 
DT  "O3'"  O  N N 117 
DT  "C2'"  C  N N 118 
DT  "C1'"  C  N R 119 
DT  N1     N  N N 120 
DT  C2     C  N N 121 
DT  O2     O  N N 122 
DT  N3     N  N N 123 
DT  C4     C  N N 124 
DT  O4     O  N N 125 
DT  C5     C  N N 126 
DT  C7     C  N N 127 
DT  C6     C  N N 128 
DT  HOP3   H  N N 129 
DT  HOP2   H  N N 130 
DT  "H5'"  H  N N 131 
DT  "H5''" H  N N 132 
DT  "H4'"  H  N N 133 
DT  "H3'"  H  N N 134 
DT  "HO3'" H  N N 135 
DT  "H2'"  H  N N 136 
DT  "H2''" H  N N 137 
DT  "H1'"  H  N N 138 
DT  H3     H  N N 139 
DT  H71    H  N N 140 
DT  H72    H  N N 141 
DT  H73    H  N N 142 
DT  H6     H  N N 143 
HOH O      O  N N 144 
HOH H1     H  N N 145 
HOH H2     H  N N 146 
MG  MG     MG N N 147 
X8V N1     N  N N 148 
X8V N3     N  Y N 149 
X8V C4     C  Y N 150 
X8V C5     C  Y N 151 
X8V C6     C  Y N 152 
X8V C7     C  Y N 153 
X8V C8     C  Y N 154 
X8V C10    C  Y N 155 
X8V C13    C  Y N 156 
X8V C15    C  Y N 157 
X8V C17    C  Y N 158 
X8V C20    C  N N 159 
X8V C14    C  Y N 160 
X8V C16    C  Y N 161 
X8V C18    C  Y N 162 
X8V N5     N  N N 163 
X8V N4     N  N N 164 
X8V C19    C  Y N 165 
X8V C12    C  Y N 166 
X8V S1     S  Y N 167 
X8V C3     C  Y N 168 
X8V C2     C  Y N 169 
X8V C1     C  Y N 170 
X8V C11    C  N N 171 
X8V N2     N  N N 172 
X8V C9     C  Y N 173 
X8V H1     H  N N 174 
X8V H2     H  N N 175 
X8V H3     H  N N 176 
X8V H4     H  N N 177 
X8V H5     H  N N 178 
X8V H6     H  N N 179 
X8V H7     H  N N 180 
X8V H8     H  N N 181 
X8V H9     H  N N 182 
X8V H10    H  N N 183 
X8V H11    H  N N 184 
X8V H12    H  N N 185 
X8V H13    H  N N 186 
X8V H14    H  N N 187 
X8V H15    H  N N 188 
X8V H16    H  N N 189 
X8V H17    H  N N 190 
# 
loop_
_chem_comp_bond.comp_id 
_chem_comp_bond.atom_id_1 
_chem_comp_bond.atom_id_2 
_chem_comp_bond.value_order 
_chem_comp_bond.pdbx_aromatic_flag 
_chem_comp_bond.pdbx_stereo_config 
_chem_comp_bond.pdbx_ordinal 
DA  OP3   P      sing N N 1   
DA  OP3   HOP3   sing N N 2   
DA  P     OP1    doub N N 3   
DA  P     OP2    sing N N 4   
DA  P     "O5'"  sing N N 5   
DA  OP2   HOP2   sing N N 6   
DA  "O5'" "C5'"  sing N N 7   
DA  "C5'" "C4'"  sing N N 8   
DA  "C5'" "H5'"  sing N N 9   
DA  "C5'" "H5''" sing N N 10  
DA  "C4'" "O4'"  sing N N 11  
DA  "C4'" "C3'"  sing N N 12  
DA  "C4'" "H4'"  sing N N 13  
DA  "O4'" "C1'"  sing N N 14  
DA  "C3'" "O3'"  sing N N 15  
DA  "C3'" "C2'"  sing N N 16  
DA  "C3'" "H3'"  sing N N 17  
DA  "O3'" "HO3'" sing N N 18  
DA  "C2'" "C1'"  sing N N 19  
DA  "C2'" "H2'"  sing N N 20  
DA  "C2'" "H2''" sing N N 21  
DA  "C1'" N9     sing N N 22  
DA  "C1'" "H1'"  sing N N 23  
DA  N9    C8     sing Y N 24  
DA  N9    C4     sing Y N 25  
DA  C8    N7     doub Y N 26  
DA  C8    H8     sing N N 27  
DA  N7    C5     sing Y N 28  
DA  C5    C6     sing Y N 29  
DA  C5    C4     doub Y N 30  
DA  C6    N6     sing N N 31  
DA  C6    N1     doub Y N 32  
DA  N6    H61    sing N N 33  
DA  N6    H62    sing N N 34  
DA  N1    C2     sing Y N 35  
DA  C2    N3     doub Y N 36  
DA  C2    H2     sing N N 37  
DA  N3    C4     sing Y N 38  
DC  OP3   P      sing N N 39  
DC  OP3   HOP3   sing N N 40  
DC  P     OP1    doub N N 41  
DC  P     OP2    sing N N 42  
DC  P     "O5'"  sing N N 43  
DC  OP2   HOP2   sing N N 44  
DC  "O5'" "C5'"  sing N N 45  
DC  "C5'" "C4'"  sing N N 46  
DC  "C5'" "H5'"  sing N N 47  
DC  "C5'" "H5''" sing N N 48  
DC  "C4'" "O4'"  sing N N 49  
DC  "C4'" "C3'"  sing N N 50  
DC  "C4'" "H4'"  sing N N 51  
DC  "O4'" "C1'"  sing N N 52  
DC  "C3'" "O3'"  sing N N 53  
DC  "C3'" "C2'"  sing N N 54  
DC  "C3'" "H3'"  sing N N 55  
DC  "O3'" "HO3'" sing N N 56  
DC  "C2'" "C1'"  sing N N 57  
DC  "C2'" "H2'"  sing N N 58  
DC  "C2'" "H2''" sing N N 59  
DC  "C1'" N1     sing N N 60  
DC  "C1'" "H1'"  sing N N 61  
DC  N1    C2     sing N N 62  
DC  N1    C6     sing N N 63  
DC  C2    O2     doub N N 64  
DC  C2    N3     sing N N 65  
DC  N3    C4     doub N N 66  
DC  C4    N4     sing N N 67  
DC  C4    C5     sing N N 68  
DC  N4    H41    sing N N 69  
DC  N4    H42    sing N N 70  
DC  C5    C6     doub N N 71  
DC  C5    H5     sing N N 72  
DC  C6    H6     sing N N 73  
DG  OP3   P      sing N N 74  
DG  OP3   HOP3   sing N N 75  
DG  P     OP1    doub N N 76  
DG  P     OP2    sing N N 77  
DG  P     "O5'"  sing N N 78  
DG  OP2   HOP2   sing N N 79  
DG  "O5'" "C5'"  sing N N 80  
DG  "C5'" "C4'"  sing N N 81  
DG  "C5'" "H5'"  sing N N 82  
DG  "C5'" "H5''" sing N N 83  
DG  "C4'" "O4'"  sing N N 84  
DG  "C4'" "C3'"  sing N N 85  
DG  "C4'" "H4'"  sing N N 86  
DG  "O4'" "C1'"  sing N N 87  
DG  "C3'" "O3'"  sing N N 88  
DG  "C3'" "C2'"  sing N N 89  
DG  "C3'" "H3'"  sing N N 90  
DG  "O3'" "HO3'" sing N N 91  
DG  "C2'" "C1'"  sing N N 92  
DG  "C2'" "H2'"  sing N N 93  
DG  "C2'" "H2''" sing N N 94  
DG  "C1'" N9     sing N N 95  
DG  "C1'" "H1'"  sing N N 96  
DG  N9    C8     sing Y N 97  
DG  N9    C4     sing Y N 98  
DG  C8    N7     doub Y N 99  
DG  C8    H8     sing N N 100 
DG  N7    C5     sing Y N 101 
DG  C5    C6     sing N N 102 
DG  C5    C4     doub Y N 103 
DG  C6    O6     doub N N 104 
DG  C6    N1     sing N N 105 
DG  N1    C2     sing N N 106 
DG  N1    H1     sing N N 107 
DG  C2    N2     sing N N 108 
DG  C2    N3     doub N N 109 
DG  N2    H21    sing N N 110 
DG  N2    H22    sing N N 111 
DG  N3    C4     sing N N 112 
DT  OP3   P      sing N N 113 
DT  OP3   HOP3   sing N N 114 
DT  P     OP1    doub N N 115 
DT  P     OP2    sing N N 116 
DT  P     "O5'"  sing N N 117 
DT  OP2   HOP2   sing N N 118 
DT  "O5'" "C5'"  sing N N 119 
DT  "C5'" "C4'"  sing N N 120 
DT  "C5'" "H5'"  sing N N 121 
DT  "C5'" "H5''" sing N N 122 
DT  "C4'" "O4'"  sing N N 123 
DT  "C4'" "C3'"  sing N N 124 
DT  "C4'" "H4'"  sing N N 125 
DT  "O4'" "C1'"  sing N N 126 
DT  "C3'" "O3'"  sing N N 127 
DT  "C3'" "C2'"  sing N N 128 
DT  "C3'" "H3'"  sing N N 129 
DT  "O3'" "HO3'" sing N N 130 
DT  "C2'" "C1'"  sing N N 131 
DT  "C2'" "H2'"  sing N N 132 
DT  "C2'" "H2''" sing N N 133 
DT  "C1'" N1     sing N N 134 
DT  "C1'" "H1'"  sing N N 135 
DT  N1    C2     sing N N 136 
DT  N1    C6     sing N N 137 
DT  C2    O2     doub N N 138 
DT  C2    N3     sing N N 139 
DT  N3    C4     sing N N 140 
DT  N3    H3     sing N N 141 
DT  C4    O4     doub N N 142 
DT  C4    C5     sing N N 143 
DT  C5    C7     sing N N 144 
DT  C5    C6     doub N N 145 
DT  C7    H71    sing N N 146 
DT  C7    H72    sing N N 147 
DT  C7    H73    sing N N 148 
DT  C6    H6     sing N N 149 
HOH O     H1     sing N N 150 
HOH O     H2     sing N N 151 
X8V N4    C20    doub N N 152 
X8V N5    C20    sing N N 153 
X8V C20   C18    sing N N 154 
X8V C18   C17    doub Y N 155 
X8V C18   C19    sing Y N 156 
X8V C17   C16    sing Y N 157 
X8V C19   C15    doub Y N 158 
X8V C16   C14    doub Y N 159 
X8V C15   C14    sing Y N 160 
X8V C15   N3     sing Y N 161 
X8V C14   C13    sing Y N 162 
X8V N3    C12    sing Y N 163 
X8V C13   C12    doub Y N 164 
X8V C12   C4     sing N N 165 
X8V C4    C3     doub Y N 166 
X8V C4    S1     sing Y N 167 
X8V C3    C2     sing Y N 168 
X8V S1    C1     sing Y N 169 
X8V C2    C1     doub Y N 170 
X8V C1    C5     sing N N 171 
X8V C5    C6     doub Y N 172 
X8V C5    C10    sing Y N 173 
X8V C6    C7     sing Y N 174 
X8V C10   C9     doub Y N 175 
X8V C7    C8     doub Y N 176 
X8V C9    C8     sing Y N 177 
X8V C8    C11    sing N N 178 
X8V C11   N1     doub N N 179 
X8V C11   N2     sing N N 180 
X8V N1    H1     sing N N 181 
X8V N3    H2     sing N N 182 
X8V C6    H3     sing N N 183 
X8V C7    H4     sing N N 184 
X8V C10   H5     sing N N 185 
X8V C13   H6     sing N N 186 
X8V C17   H7     sing N N 187 
X8V C16   H8     sing N N 188 
X8V N5    H9     sing N N 189 
X8V N5    H10    sing N N 190 
X8V N4    H11    sing N N 191 
X8V C19   H12    sing N N 192 
X8V C3    H13    sing N N 193 
X8V C2    H14    sing N N 194 
X8V N2    H15    sing N N 195 
X8V N2    H16    sing N N 196 
X8V C9    H17    sing N N 197 
# 
_ndb_struct_conf_na.entry_id   7KWK 
_ndb_struct_conf_na.feature    'b-form double helix' 
# 
loop_
_ndb_struct_na_base_pair.model_number 
_ndb_struct_na_base_pair.i_label_asym_id 
_ndb_struct_na_base_pair.i_label_comp_id 
_ndb_struct_na_base_pair.i_label_seq_id 
_ndb_struct_na_base_pair.i_symmetry 
_ndb_struct_na_base_pair.j_label_asym_id 
_ndb_struct_na_base_pair.j_label_comp_id 
_ndb_struct_na_base_pair.j_label_seq_id 
_ndb_struct_na_base_pair.j_symmetry 
_ndb_struct_na_base_pair.shear 
_ndb_struct_na_base_pair.stretch 
_ndb_struct_na_base_pair.stagger 
_ndb_struct_na_base_pair.buckle 
_ndb_struct_na_base_pair.propeller 
_ndb_struct_na_base_pair.opening 
_ndb_struct_na_base_pair.pair_number 
_ndb_struct_na_base_pair.pair_name 
_ndb_struct_na_base_pair.i_auth_asym_id 
_ndb_struct_na_base_pair.i_auth_seq_id 
_ndb_struct_na_base_pair.i_PDB_ins_code 
_ndb_struct_na_base_pair.j_auth_asym_id 
_ndb_struct_na_base_pair.j_auth_seq_id 
_ndb_struct_na_base_pair.j_PDB_ins_code 
_ndb_struct_na_base_pair.hbond_type_28 
_ndb_struct_na_base_pair.hbond_type_12 
1 A DC 1  1_555 B DG 12 1_555 0.224  -0.154 0.066  3.754  -12.652 0.118  1  A_DC1:DG24_B  A 1  ? B 24 ? 19 1 
1 A DG 2  1_555 B DC 11 1_555 -0.190 -0.247 0.330  4.979  -12.959 -2.755 2  A_DG2:DC23_B  A 2  ? B 23 ? 19 1 
1 A DC 3  1_555 B DG 10 1_555 0.184  -0.170 0.074  -3.322 -5.727  -0.641 3  A_DC3:DG22_B  A 3  ? B 22 ? 19 1 
1 A DG 4  1_555 B DC 9  1_555 -0.161 -0.109 -0.102 7.340  -10.752 1.425  4  A_DG4:DC21_B  A 4  ? B 21 ? 19 1 
1 A DA 5  1_555 B DT 8  1_555 0.210  -0.137 -0.070 7.158  -14.765 0.652  5  A_DA5:DT20_B  A 5  ? B 20 ? 20 1 
1 A DA 6  1_555 B DT 7  1_555 0.071  -0.105 -0.018 1.070  -15.888 5.391  6  A_DA6:DT19_B  A 6  ? B 19 ? 20 1 
1 A DT 7  1_555 B DA 6  1_555 -0.116 -0.100 0.040  2.168  -17.630 6.080  7  A_DT7:DA18_B  A 7  ? B 18 ? 20 1 
1 A DT 8  1_555 B DA 5  1_555 -0.004 -0.141 -0.134 0.269  -15.882 5.635  8  A_DT8:DA17_B  A 8  ? B 17 ? 20 1 
1 A DC 9  1_555 B DG 4  1_555 0.140  -0.135 -0.085 -7.982 -9.464  -1.368 9  A_DC9:DG16_B  A 9  ? B 16 ? 19 1 
1 A DG 10 1_555 B DC 3  1_555 -0.207 -0.119 0.151  8.233  -6.866  2.919  10 A_DG10:DC15_B A 10 ? B 15 ? 19 1 
1 A DC 11 1_555 B DG 2  1_555 0.069  -0.239 0.109  5.387  -18.943 -3.777 11 A_DC11:DG14_B A 11 ? B 14 ? 19 1 
1 A DG 12 1_555 B DC 1  1_555 -0.242 -0.135 0.327  5.239  -7.035  -1.441 12 A_DG12:DC13_B A 12 ? B 13 ? 19 1 
# 
loop_
_ndb_struct_na_base_pair_step.model_number 
_ndb_struct_na_base_pair_step.i_label_asym_id_1 
_ndb_struct_na_base_pair_step.i_label_comp_id_1 
_ndb_struct_na_base_pair_step.i_label_seq_id_1 
_ndb_struct_na_base_pair_step.i_symmetry_1 
_ndb_struct_na_base_pair_step.j_label_asym_id_1 
_ndb_struct_na_base_pair_step.j_label_comp_id_1 
_ndb_struct_na_base_pair_step.j_label_seq_id_1 
_ndb_struct_na_base_pair_step.j_symmetry_1 
_ndb_struct_na_base_pair_step.i_label_asym_id_2 
_ndb_struct_na_base_pair_step.i_label_comp_id_2 
_ndb_struct_na_base_pair_step.i_label_seq_id_2 
_ndb_struct_na_base_pair_step.i_symmetry_2 
_ndb_struct_na_base_pair_step.j_label_asym_id_2 
_ndb_struct_na_base_pair_step.j_label_comp_id_2 
_ndb_struct_na_base_pair_step.j_label_seq_id_2 
_ndb_struct_na_base_pair_step.j_symmetry_2 
_ndb_struct_na_base_pair_step.shift 
_ndb_struct_na_base_pair_step.slide 
_ndb_struct_na_base_pair_step.rise 
_ndb_struct_na_base_pair_step.tilt 
_ndb_struct_na_base_pair_step.roll 
_ndb_struct_na_base_pair_step.twist 
_ndb_struct_na_base_pair_step.x_displacement 
_ndb_struct_na_base_pair_step.y_displacement 
_ndb_struct_na_base_pair_step.helical_rise 
_ndb_struct_na_base_pair_step.inclination 
_ndb_struct_na_base_pair_step.tip 
_ndb_struct_na_base_pair_step.helical_twist 
_ndb_struct_na_base_pair_step.step_number 
_ndb_struct_na_base_pair_step.step_name 
_ndb_struct_na_base_pair_step.i_auth_asym_id_1 
_ndb_struct_na_base_pair_step.i_auth_seq_id_1 
_ndb_struct_na_base_pair_step.i_PDB_ins_code_1 
_ndb_struct_na_base_pair_step.j_auth_asym_id_1 
_ndb_struct_na_base_pair_step.j_auth_seq_id_1 
_ndb_struct_na_base_pair_step.j_PDB_ins_code_1 
_ndb_struct_na_base_pair_step.i_auth_asym_id_2 
_ndb_struct_na_base_pair_step.i_auth_seq_id_2 
_ndb_struct_na_base_pair_step.i_PDB_ins_code_2 
_ndb_struct_na_base_pair_step.j_auth_asym_id_2 
_ndb_struct_na_base_pair_step.j_auth_seq_id_2 
_ndb_struct_na_base_pair_step.j_PDB_ins_code_2 
1 A DC 1  1_555 B DG 12 1_555 A DG 2  1_555 B DC 11 1_555 -0.094 0.165  3.249 -2.337 6.454  34.851 -0.674 -0.188 3.227 10.648  
3.855  35.500 1  AA_DC1DG2:DC23DG24_BB   A 1  ? B 24 ? A 2  ? B 23 ? 
1 A DG 2  1_555 B DC 11 1_555 A DC 3  1_555 B DG 10 1_555 0.647  0.520  3.515 2.742  -6.702 42.386 1.421  -0.593 3.432 -9.189  
-3.760 42.972 2  AA_DG2DC3:DG22DC23_BB   A 2  ? B 23 ? A 3  ? B 22 ? 
1 A DC 3  1_555 B DG 10 1_555 A DG 4  1_555 B DC 9  1_555 -0.213 0.686  3.159 1.864  9.623  27.762 -0.711 0.820  3.193 19.309  
-3.741 29.410 3  AA_DC3DG4:DC21DG22_BB   A 3  ? B 22 ? A 4  ? B 21 ? 
1 A DG 4  1_555 B DC 9  1_555 A DA 5  1_555 B DT 8  1_555 0.195  -0.142 3.280 -0.601 2.360  32.348 -0.668 -0.455 3.257 4.228   
1.078  32.437 4  AA_DG4DA5:DT20DC21_BB   A 4  ? B 21 ? A 5  ? B 20 ? 
1 A DA 5  1_555 B DT 8  1_555 A DA 6  1_555 B DT 7  1_555 -0.327 -0.002 3.293 -2.599 1.889  40.295 -0.218 0.179  3.303 2.737   
3.766  40.418 5  AA_DA5DA6:DT19DT20_BB   A 5  ? B 20 ? A 6  ? B 19 ? 
1 A DA 6  1_555 B DT 7  1_555 A DT 7  1_555 B DA 6  1_555 0.077  -0.456 3.154 -0.358 -1.887 32.078 -0.497 -0.201 3.174 -3.411  
0.647  32.134 6  AA_DA6DT7:DA18DT19_BB   A 6  ? B 19 ? A 7  ? B 18 ? 
1 A DT 7  1_555 B DA 6  1_555 A DT 8  1_555 B DA 5  1_555 0.008  -0.253 3.234 2.311  0.930  33.834 -0.581 0.352  3.220 1.595   
-3.964 33.923 7  AA_DT7DT8:DA17DA18_BB   A 7  ? B 18 ? A 8  ? B 17 ? 
1 A DT 8  1_555 B DA 5  1_555 A DC 9  1_555 B DG 4  1_555 -0.231 -0.103 3.433 0.906  0.018  41.198 -0.149 0.430  3.428 0.026   
-1.287 41.208 8  AA_DT8DC9:DG16DA17_BB   A 8  ? B 17 ? A 9  ? B 16 ? 
1 A DC 9  1_555 B DG 4  1_555 A DG 10 1_555 B DC 3  1_555 0.599  0.885  3.050 -3.011 5.591  25.804 0.527  -2.057 3.081 12.284  
6.616  26.561 9  AA_DC9DG10:DC15DG16_BB  A 9  ? B 16 ? A 10 ? B 15 ? 
1 A DG 10 1_555 B DC 3  1_555 A DC 11 1_555 B DG 2  1_555 -1.252 0.690  3.365 -2.568 -9.539 43.760 1.790  1.405  3.219 -12.607 
3.394  44.808 10 AA_DG10DC11:DG14DC15_BB A 10 ? B 15 ? A 11 ? B 14 ? 
1 A DC 11 1_555 B DG 2  1_555 A DG 12 1_555 B DC 1  1_555 0.079  0.444  3.254 -2.028 5.795  33.465 -0.172 -0.461 3.272 9.960   
3.485  34.008 11 AA_DC11DG12:DC13DG14_BB A 11 ? B 14 ? A 12 ? B 13 ? 
# 
_pdbx_audit_support.funding_organization   
'National Institutes of Health/National Institute of General Medical Sciences (NIH/NIGMS)' 
_pdbx_audit_support.country                'United States' 
_pdbx_audit_support.grant_number           GM111749 
_pdbx_audit_support.ordinal                1 
# 
_pdbx_entity_instance_feature.ordinal        1 
_pdbx_entity_instance_feature.comp_id        X8V 
_pdbx_entity_instance_feature.asym_id        ? 
_pdbx_entity_instance_feature.seq_num        ? 
_pdbx_entity_instance_feature.auth_comp_id   X8V 
_pdbx_entity_instance_feature.auth_asym_id   ? 
_pdbx_entity_instance_feature.auth_seq_num   ? 
_pdbx_entity_instance_feature.feature_type   'SUBJECT OF INVESTIGATION' 
_pdbx_entity_instance_feature.details        ? 
# 
loop_
_pdbx_entity_nonpoly.entity_id 
_pdbx_entity_nonpoly.name 
_pdbx_entity_nonpoly.comp_id 
2 '2-[5-(4-carbamimidoylphenyl)thiophen-2-yl]-1H-indole-6-carboximidamide' X8V 
3 'MAGNESIUM ION'                                                          MG  
4 water                                                                    HOH 
# 
_pdbx_initial_refinement_model.id               1 
_pdbx_initial_refinement_model.entity_id_list   ? 
_pdbx_initial_refinement_model.type             'experimental model' 
_pdbx_initial_refinement_model.source_name      PDB 
_pdbx_initial_refinement_model.accession_code   1BNA 
_pdbx_initial_refinement_model.details          ? 
# 
_pdbx_struct_assembly_auth_evidence.id                     1 
_pdbx_struct_assembly_auth_evidence.assembly_id            1 
_pdbx_struct_assembly_auth_evidence.experimental_support   'surface plasmon resonance' 
_pdbx_struct_assembly_auth_evidence.details                ? 
# 
